data_6J99
#
_entry.id   6J99
#
_cell.length_a   1.0
_cell.length_b   1.0
_cell.length_c   1.0
_cell.angle_alpha   90.000
_cell.angle_beta   90.000
_cell.angle_gamma   90.000
#
_symmetry.space_group_name_H-M   'P 1'
#
loop_
_entity.id
_entity.type
_entity.pdbx_description
1 polymer 'Histone H3'
2 polymer 'Histone H4'
3 polymer 'Histone H2A'
4 polymer 'Histone H2B 1.1'
5 polymer 'DNA (144-MER)'
6 polymer 'DNA (145-MER)'
7 polymer Ubiquitin
8 polymer 'Histone-lysine N-methyltransferase, H3 lysine-79 specific'
9 non-polymer S-ADENOSYL-L-HOMOCYSTEINE
#
loop_
_entity_poly.entity_id
_entity_poly.type
_entity_poly.pdbx_seq_one_letter_code
_entity_poly.pdbx_strand_id
1 'polypeptide(L)'
;MARTKQTARKSTGGKAPRKQLATKAARKSAPATGGVKKPHRYRPGTVALREIRRYQKSTELLIRKLPFQRLVREIAQDFK
TDLRFQSSAVMALQEASEAYLVALFEDTNLCAIHAKRVTIMPKDIQLARRIRGERA
;
A,E
2 'polypeptide(L)'
;MSGRGKGGKGLGKGGAKRHRKVLRDNIQGITKPAIRRLARRGGVKRISGLIYEETRGVLKVFLENVIRDAVTYTEHAKRK
TVTAMDVVYALKRQGRTLYGFGG
;
B,F
3 'polypeptide(L)'
;MSGRGKQGGKTRAKAKTRSSRAGLQFPVGRVHRLLRKGNYAERVGAGAPVYLAAVLEYLTAEILELAGNAARDNKKTRII
PRHLQLAVRNDEELNKLLGRVTIAQGGVLPNIQSVLLPKKTESSKSAKSK
;
C,G
4 'polypeptide(L)'
;MAKSAPAPKKGSKKAVTKTQKKDGKKRRKTRKESYAIYVYKVLKQVHPDTGISSKAMSIMNSFVNDVFERIAGEASRLAH
YNKRSTITSREIQTAVRLLLPGELAKHAVSEGTKAVTCYTSAK
;
D,H
5 'polydeoxyribonucleotide'
;(DA)(DT)(DC)(DG)(DA)(DG)(DA)(DA)(DT)(DC)(DC)(DC)(DG)(DG)(DT)(DG)(DC)(DC)(DG)(DA)
(DG)(DG)(DC)(DC)(DG)(DC)(DT)(DC)(DA)(DA)(DT)(DT)(DG)(DG)(DT)(DC)(DG)(DT)(DA)(DG)
(DA)(DC)(DA)(DG)(DC)(DT)(DC)(DT)(DA)(DG)(DC)(DA)(DC)(DC)(DG)(DC)(DT)(DT)(DA)(DA)
(DA)(DC)(DG)(DC)(DA)(DC)(DG)(DT)(DA)(DC)(DG)(DC)(DG)(DC)(DT)(DG)(DT)(DC)(DC)(DC)
(DC)(DC)(DG)(DC)(DG)(DT)(DT)(DT)(DT)(DA)(DA)(DC)(DC)(DG)(DC)(DC)(DA)(DA)(DG)(DG)
(DG)(DG)(DA)(DT)(DT)(DA)(DC)(DT)(DC)(DC)(DC)(DT)(DA)(DG)(DT)(DC)(DT)(DC)(DC)(DA)
(DG)(DG)(DC)(DA)(DC)(DG)(DT)(DG)(DT)(DC)(DA)(DG)(DA)(DT)(DA)(DT)(DA)(DT)(DA)(DC)
(DA)(DT)(DC)(DC)(DG)(DA)(DT)
;
I
6 'polydeoxyribonucleotide'
;(DA)(DT)(DC)(DG)(DG)(DA)(DT)(DG)(DT)(DA)(DT)(DA)(DT)(DA)(DT)(DC)(DT)(DG)(DA)(DC)
(DA)(DC)(DG)(DT)(DG)(DC)(DC)(DT)(DG)(DG)(DA)(DG)(DA)(DC)(DT)(DA)(DG)(DG)(DG)(DA)
(DG)(DT)(DA)(DA)(DT)(DC)(DC)(DC)(DC)(DT)(DT)(DG)(DG)(DC)(DG)(DG)(DT)(DT)(DA)(DA)
(DA)(DA)(DC)(DG)(DC)(DG)(DG)(DG)(DG)(DG)(DA)(DC)(DA)(DG)(DC)(DG)(DC)(DG)(DT)(DA)
(DC)(DG)(DT)(DG)(DC)(DG)(DT)(DT)(DT)(DA)(DA)(DG)(DC)(DG)(DG)(DT)(DG)(DC)(DT)(DA)
(DG)(DA)(DG)(DC)(DT)(DG)(DT)(DC)(DT)(DA)(DC)(DG)(DA)(DC)(DC)(DA)(DA)(DT)(DT)(DG)
(DA)(DG)(DC)(DG)(DG)(DC)(DC)(DT)(DC)(DG)(DG)(DC)(DA)(DC)(DC)(DG)(DG)(DG)(DA)(DT)
(DT)(DC)(DT)(DC)(DG)(DA)(DT)
;
J
7 'polypeptide(L)' MQIFVKTLTGKTITLEVEPSDTIENVKAKIQDKEGIPPDQQRLIFAGKQLEDGRTLSDYNIQKESTLHLVLRLRGC L
8 'polypeptide(L)'
;MGEKLELRLKSPVGAEPAVYPWPLPVYDKHHDAAHEIIETIRWVCEEIPDLKLAMENYVLIDYDTKSFESMQRLCDKYNR
AIDSIHQLWKGTTQPMKLNTRPSTGLLRHILQQVYNHSVTDPEKLNNYEPFSPEVYGETSFDLVAQMIDEIKMTDDDLFV
DLGSGVGQVVLQVAAATNCKHHYGVEKADIPAKYAETMDREFRKWMKWYGKKHAEYTLERGDFLSEEWRERIANTSVIFV
NNFAFGPEVDHQLKERFANMKEGGRIVSSKPFAPLNFRINSRNLSDIGTIMRVVELSPLKGSVSWTGKPVSYYLHTIDRT
ILENYFSSLKNPKLREEQEAARRRQQRESKSNAATPTKGPEGKVAGPADAPMDSGAEEEKAGAATVKKPSPSKARKKKLN
KKGRKMAGRKRGRPKK
;
K
#
loop_
_chem_comp.id
_chem_comp.type
_chem_comp.name
_chem_comp.formula
DA DNA linking 2'-DEOXYADENOSINE-5'-MONOPHOSPHATE 'C10 H14 N5 O6 P'
DC DNA linking 2'-DEOXYCYTIDINE-5'-MONOPHOSPHATE 'C9 H14 N3 O7 P'
DG DNA linking 2'-DEOXYGUANOSINE-5'-MONOPHOSPHATE 'C10 H14 N5 O7 P'
DT DNA linking THYMIDINE-5'-MONOPHOSPHATE 'C10 H15 N2 O8 P'
SAH non-polymer S-ADENOSYL-L-HOMOCYSTEINE 'C14 H20 N6 O5 S'
#
# COMPACT_ATOMS: atom_id res chain seq x y z
N PRO A 39 -20.74 4.37 52.44
CA PRO A 39 -21.00 4.36 51.00
C PRO A 39 -20.43 5.58 50.30
N HIS A 40 -19.18 5.91 50.61
CA HIS A 40 -18.55 7.08 50.01
C HIS A 40 -18.20 6.80 48.56
N ARG A 41 -18.76 7.61 47.66
CA ARG A 41 -18.50 7.50 46.23
C ARG A 41 -18.31 8.89 45.66
N TYR A 42 -17.26 9.06 44.85
CA TYR A 42 -16.99 10.35 44.23
C TYR A 42 -18.02 10.65 43.14
N ARG A 43 -18.14 11.94 42.84
CA ARG A 43 -18.85 12.35 41.64
C ARG A 43 -17.99 12.01 40.42
N PRO A 44 -18.61 11.84 39.25
CA PRO A 44 -17.81 11.67 38.03
C PRO A 44 -17.06 12.93 37.68
N GLY A 45 -15.96 12.74 36.95
CA GLY A 45 -15.09 13.86 36.65
C GLY A 45 -13.93 13.92 37.61
N THR A 46 -14.20 13.67 38.89
CA THR A 46 -13.11 13.47 39.85
C THR A 46 -12.25 12.29 39.45
N VAL A 47 -12.84 11.10 39.45
CA VAL A 47 -12.17 9.85 39.09
C VAL A 47 -11.72 9.86 37.63
N ALA A 48 -12.24 10.77 36.82
CA ALA A 48 -11.56 11.10 35.57
C ALA A 48 -10.24 11.80 35.85
N LEU A 49 -10.28 13.00 36.45
CA LEU A 49 -9.13 13.91 36.42
C LEU A 49 -8.01 13.45 37.33
N ARG A 50 -8.33 13.02 38.54
CA ARG A 50 -7.39 12.16 39.22
C ARG A 50 -7.38 10.83 38.48
N GLU A 51 -6.17 10.36 38.19
CA GLU A 51 -5.69 9.33 37.28
C GLU A 51 -5.64 9.75 35.82
N ILE A 52 -6.25 10.88 35.42
CA ILE A 52 -5.70 11.57 34.25
C ILE A 52 -4.34 12.13 34.60
N ARG A 53 -4.23 12.71 35.78
CA ARG A 53 -2.94 13.20 36.27
C ARG A 53 -1.95 12.06 36.44
N ARG A 54 -2.41 10.95 37.02
CA ARG A 54 -1.54 9.79 37.24
C ARG A 54 -1.13 9.14 35.93
N TYR A 55 -2.01 9.11 34.93
CA TYR A 55 -1.61 8.52 33.67
C TYR A 55 -0.72 9.45 32.86
N GLN A 56 -0.90 10.76 32.99
CA GLN A 56 0.02 11.68 32.33
C GLN A 56 1.37 11.72 33.01
N LYS A 57 1.44 11.37 34.30
CA LYS A 57 2.74 11.36 34.96
C LYS A 57 3.39 9.98 34.89
N SER A 58 2.78 8.99 35.52
CA SER A 58 3.26 7.61 35.52
C SER A 58 3.00 7.02 34.14
N THR A 59 4.04 6.94 33.34
CA THR A 59 3.91 6.59 31.93
C THR A 59 4.80 5.40 31.62
N GLU A 60 4.23 4.19 31.55
CA GLU A 60 5.04 3.04 31.15
C GLU A 60 4.57 2.40 29.85
N LEU A 61 3.43 1.72 29.81
CA LEU A 61 2.84 1.24 28.57
C LEU A 61 1.35 1.46 28.60
N LEU A 62 0.75 1.20 29.76
CA LEU A 62 -0.68 1.27 30.04
C LEU A 62 -1.51 0.39 29.11
N ILE A 63 -0.87 -0.61 28.48
CA ILE A 63 -1.49 -1.56 27.58
C ILE A 63 -0.91 -2.91 27.91
N ARG A 64 -1.78 -3.89 28.16
CA ARG A 64 -1.34 -5.24 28.49
C ARG A 64 -0.64 -5.83 27.27
N LYS A 65 0.66 -6.01 27.38
CA LYS A 65 1.48 -6.32 26.22
C LYS A 65 1.34 -7.76 25.75
N LEU A 66 0.80 -8.64 26.57
CA LEU A 66 0.61 -10.01 26.07
C LEU A 66 -0.61 -10.14 25.16
N PRO A 67 -1.81 -9.61 25.49
CA PRO A 67 -2.86 -9.62 24.46
C PRO A 67 -2.55 -8.73 23.30
N PHE A 68 -1.87 -7.61 23.55
CA PHE A 68 -1.38 -6.77 22.46
C PHE A 68 -0.45 -7.53 21.55
N GLN A 69 0.45 -8.31 22.14
CA GLN A 69 1.43 -9.04 21.36
C GLN A 69 0.77 -10.16 20.57
N ARG A 70 -0.24 -10.80 21.16
CA ARG A 70 -1.00 -11.79 20.41
C ARG A 70 -1.79 -11.15 19.27
N LEU A 71 -2.28 -9.93 19.48
CA LEU A 71 -2.93 -9.20 18.41
C LEU A 71 -1.97 -8.90 17.27
N VAL A 72 -0.77 -8.43 17.60
CA VAL A 72 0.23 -8.09 16.59
C VAL A 72 0.65 -9.34 15.82
N ARG A 73 0.83 -10.45 16.53
CA ARG A 73 1.18 -11.71 15.87
C ARG A 73 0.06 -12.18 14.95
N GLU A 74 -1.20 -11.99 15.35
CA GLU A 74 -2.31 -12.38 14.48
C GLU A 74 -2.37 -11.51 13.23
N ILE A 75 -2.30 -10.20 13.39
CA ILE A 75 -2.46 -9.31 12.25
C ILE A 75 -1.24 -9.31 11.37
N ALA A 76 -0.09 -9.74 11.87
CA ALA A 76 1.06 -9.95 11.02
C ALA A 76 1.04 -11.30 10.36
N GLN A 77 0.35 -12.27 10.96
CA GLN A 77 0.30 -13.63 10.42
C GLN A 77 -0.41 -13.68 9.09
N ASP A 78 -1.35 -12.76 8.86
CA ASP A 78 -2.11 -12.77 7.63
C ASP A 78 -1.30 -12.19 6.47
N PHE A 79 -0.36 -11.29 6.76
CA PHE A 79 0.52 -10.78 5.71
C PHE A 79 1.53 -11.83 5.30
N LYS A 80 1.97 -12.65 6.24
CA LYS A 80 2.92 -13.72 5.99
C LYS A 80 2.87 -14.68 7.16
N THR A 81 2.79 -15.97 6.87
CA THR A 81 2.85 -16.95 7.93
C THR A 81 4.28 -17.07 8.44
N ASP A 82 4.39 -17.47 9.70
CA ASP A 82 5.66 -17.78 10.38
C ASP A 82 6.60 -16.58 10.37
N LEU A 83 6.19 -15.56 11.10
CA LEU A 83 6.99 -14.35 11.28
C LEU A 83 7.49 -14.31 12.71
N ARG A 84 8.74 -14.70 12.92
CA ARG A 84 9.36 -14.52 14.20
C ARG A 84 9.58 -13.03 14.45
N PHE A 85 9.49 -12.63 15.69
CA PHE A 85 9.67 -11.24 16.08
C PHE A 85 10.91 -11.08 16.93
N GLN A 86 11.19 -9.84 17.26
CA GLN A 86 11.97 -9.51 18.45
C GLN A 86 11.00 -8.90 19.44
N SER A 87 11.16 -9.27 20.71
CA SER A 87 10.31 -8.71 21.75
C SER A 87 10.54 -7.22 21.89
N SER A 88 11.76 -6.78 21.64
CA SER A 88 12.06 -5.36 21.54
C SER A 88 11.25 -4.71 20.43
N ALA A 89 11.10 -5.40 19.30
CA ALA A 89 10.34 -4.83 18.19
C ALA A 89 8.87 -4.71 18.55
N VAL A 90 8.34 -5.67 19.29
CA VAL A 90 6.93 -5.62 19.65
C VAL A 90 6.70 -4.56 20.71
N MET A 91 7.67 -4.37 21.61
CA MET A 91 7.58 -3.26 22.54
C MET A 91 7.66 -1.91 21.82
N ALA A 92 8.44 -1.85 20.76
CA ALA A 92 8.48 -0.64 19.94
C ALA A 92 7.13 -0.38 19.27
N LEU A 93 6.50 -1.44 18.79
CA LEU A 93 5.15 -1.33 18.23
C LEU A 93 4.16 -0.84 19.27
N GLN A 94 4.31 -1.33 20.50
CA GLN A 94 3.41 -0.91 21.57
C GLN A 94 3.58 0.57 21.88
N GLU A 95 4.83 1.02 21.94
CA GLU A 95 5.11 2.44 22.16
C GLU A 95 4.56 3.30 21.03
N ALA A 96 4.74 2.84 19.80
CA ALA A 96 4.30 3.62 18.64
C ALA A 96 2.79 3.72 18.60
N SER A 97 2.12 2.60 18.81
CA SER A 97 0.66 2.59 18.77
C SER A 97 0.09 3.36 19.93
N GLU A 98 0.76 3.28 21.10
CA GLU A 98 0.39 4.04 22.26
C GLU A 98 0.39 5.53 21.97
N ALA A 99 1.53 6.04 21.49
CA ALA A 99 1.64 7.47 21.23
C ALA A 99 0.74 7.91 20.08
N TYR A 100 0.55 7.03 19.09
CA TYR A 100 -0.34 7.34 17.98
C TYR A 100 -1.77 7.54 18.45
N LEU A 101 -2.27 6.59 19.23
CA LEU A 101 -3.65 6.70 19.70
C LEU A 101 -3.80 7.83 20.72
N VAL A 102 -2.73 8.16 21.44
CA VAL A 102 -2.83 9.26 22.39
C VAL A 102 -2.89 10.60 21.66
N ALA A 103 -2.11 10.76 20.59
CA ALA A 103 -2.19 11.98 19.80
C ALA A 103 -3.55 12.11 19.12
N LEU A 104 -4.07 10.97 18.63
CA LEU A 104 -5.41 10.94 18.09
C LEU A 104 -6.45 11.33 19.13
N PHE A 105 -6.28 10.82 20.36
CA PHE A 105 -7.20 11.16 21.44
C PHE A 105 -7.15 12.62 21.80
N GLU A 106 -5.96 13.23 21.78
CA GLU A 106 -5.85 14.63 22.16
C GLU A 106 -6.53 15.53 21.13
N ASP A 107 -6.28 15.25 19.84
CA ASP A 107 -6.94 16.06 18.82
C ASP A 107 -8.44 15.77 18.78
N THR A 108 -8.84 14.54 19.11
CA THR A 108 -10.25 14.19 19.17
C THR A 108 -10.93 14.90 20.34
N ASN A 109 -10.19 15.06 21.43
CA ASN A 109 -10.70 15.81 22.56
C ASN A 109 -10.87 17.27 22.19
N LEU A 110 -9.95 17.79 21.38
CA LEU A 110 -10.12 19.14 20.86
C LEU A 110 -11.33 19.25 19.96
N CYS A 111 -11.62 18.19 19.20
CA CYS A 111 -12.82 18.15 18.38
C CYS A 111 -14.08 18.25 19.24
N ALA A 112 -14.12 17.47 20.31
CA ALA A 112 -15.30 17.44 21.16
C ALA A 112 -15.48 18.75 21.92
N ILE A 113 -14.37 19.34 22.38
CA ILE A 113 -14.42 20.64 23.04
C ILE A 113 -14.92 21.70 22.07
N HIS A 114 -14.47 21.63 20.82
CA HIS A 114 -14.90 22.60 19.83
C HIS A 114 -16.36 22.38 19.44
N ALA A 115 -16.84 21.16 19.59
CA ALA A 115 -18.26 20.88 19.43
C ALA A 115 -19.07 21.23 20.67
N LYS A 116 -18.43 21.83 21.68
CA LYS A 116 -19.02 22.17 22.97
C LYS A 116 -19.63 20.94 23.64
N ARG A 117 -18.93 19.81 23.51
CA ARG A 117 -19.37 18.56 24.09
C ARG A 117 -18.29 18.04 25.01
N VAL A 118 -18.68 17.71 26.24
CA VAL A 118 -17.73 17.21 27.20
C VAL A 118 -17.31 15.79 26.86
N THR A 119 -18.23 15.02 26.28
CA THR A 119 -18.02 13.60 26.02
C THR A 119 -17.63 13.42 24.56
N ILE A 120 -16.76 12.45 24.30
CA ILE A 120 -16.27 12.17 22.96
C ILE A 120 -17.10 11.06 22.34
N MET A 121 -17.65 11.33 21.15
CA MET A 121 -18.35 10.43 20.26
C MET A 121 -17.48 10.12 19.04
N PRO A 122 -17.61 8.95 18.41
CA PRO A 122 -16.64 8.57 17.38
C PRO A 122 -16.71 9.38 16.10
N LYS A 123 -17.75 10.18 15.92
CA LYS A 123 -17.74 11.17 14.85
C LYS A 123 -16.64 12.20 15.05
N ASP A 124 -16.27 12.49 16.31
CA ASP A 124 -15.07 13.30 16.57
C ASP A 124 -13.83 12.62 16.03
N ILE A 125 -13.74 11.29 16.21
CA ILE A 125 -12.57 10.55 15.73
C ILE A 125 -12.51 10.61 14.22
N GLN A 126 -13.65 10.41 13.57
CA GLN A 126 -13.70 10.45 12.12
C GLN A 126 -13.37 11.84 11.60
N LEU A 127 -13.82 12.87 12.32
CA LEU A 127 -13.46 14.25 12.01
C LEU A 127 -11.97 14.47 12.08
N ALA A 128 -11.35 13.99 13.16
CA ALA A 128 -9.93 14.24 13.37
C ALA A 128 -9.08 13.49 12.36
N ARG A 129 -9.49 12.27 12.02
CA ARG A 129 -8.75 11.53 11.00
C ARG A 129 -8.97 12.12 9.62
N ARG A 130 -10.10 12.78 9.40
CA ARG A 130 -10.31 13.44 8.13
C ARG A 130 -9.45 14.69 8.02
N ILE A 131 -9.37 15.48 9.10
CA ILE A 131 -8.62 16.72 9.05
C ILE A 131 -7.13 16.44 8.98
N ARG A 132 -6.66 15.46 9.76
CA ARG A 132 -5.27 15.05 9.66
C ARG A 132 -4.98 14.40 8.31
N GLY A 133 -6.01 13.86 7.65
CA GLY A 133 -5.81 13.37 6.31
C GLY A 133 -5.24 11.97 6.29
N GLU A 134 -5.64 11.13 7.24
CA GLU A 134 -5.24 9.73 7.17
C GLU A 134 -5.94 9.01 6.04
N ARG A 135 -7.23 9.27 5.88
CA ARG A 135 -8.09 8.47 5.03
C ARG A 135 -9.40 9.17 4.77
N LYS B 17 -5.51 -28.80 21.29
CA LYS B 17 -4.09 -28.71 21.63
C LYS B 17 -3.27 -29.80 20.94
N ARG B 18 -2.59 -29.47 19.85
CA ARG B 18 -2.65 -28.15 19.22
C ARG B 18 -3.09 -28.31 17.78
N HIS B 19 -3.30 -27.19 17.08
CA HIS B 19 -3.76 -27.26 15.69
C HIS B 19 -3.32 -25.99 14.96
N ARG B 20 -2.28 -26.12 14.14
CA ARG B 20 -1.91 -25.24 13.03
C ARG B 20 -1.43 -23.85 13.44
N LYS B 21 -1.47 -23.49 14.73
CA LYS B 21 -1.01 -22.21 15.29
C LYS B 21 -1.70 -21.02 14.61
N VAL B 22 -3.01 -20.96 14.80
CA VAL B 22 -3.85 -19.96 14.13
C VAL B 22 -4.52 -19.09 15.19
N LEU B 23 -4.30 -17.78 15.09
CA LEU B 23 -4.96 -16.81 15.95
C LEU B 23 -6.11 -16.20 15.17
N ARG B 24 -7.29 -16.17 15.79
CA ARG B 24 -8.49 -15.76 15.08
C ARG B 24 -9.22 -14.58 15.68
N ASP B 25 -9.10 -14.35 16.98
CA ASP B 25 -9.87 -13.30 17.65
C ASP B 25 -8.98 -12.65 18.70
N ASN B 26 -8.47 -11.45 18.39
CA ASN B 26 -7.65 -10.72 19.35
C ASN B 26 -7.94 -9.23 19.38
N ILE B 27 -9.00 -8.77 18.72
CA ILE B 27 -9.30 -7.36 18.75
C ILE B 27 -9.86 -6.93 20.10
N GLN B 28 -10.45 -7.86 20.85
CA GLN B 28 -10.88 -7.56 22.21
C GLN B 28 -9.70 -7.39 23.15
N GLY B 29 -8.52 -7.90 22.77
CA GLY B 29 -7.32 -7.74 23.57
C GLY B 29 -6.90 -6.29 23.77
N ILE B 30 -7.33 -5.41 22.88
CA ILE B 30 -7.34 -3.99 23.18
C ILE B 30 -8.59 -3.76 24.01
N THR B 31 -8.47 -3.88 25.32
CA THR B 31 -9.63 -4.03 26.17
C THR B 31 -10.29 -2.68 26.44
N LYS B 32 -11.55 -2.75 26.85
CA LYS B 32 -12.40 -1.66 27.28
C LYS B 32 -11.79 -0.70 28.31
N PRO B 33 -11.11 -1.15 29.39
CA PRO B 33 -10.49 -0.15 30.26
C PRO B 33 -9.16 0.34 29.72
N ALA B 34 -8.47 -0.46 28.90
CA ALA B 34 -7.18 -0.04 28.37
C ALA B 34 -7.35 1.08 27.36
N ILE B 35 -8.41 1.00 26.56
CA ILE B 35 -8.80 2.13 25.73
C ILE B 35 -9.14 3.32 26.61
N ARG B 36 -9.87 3.07 27.69
CA ARG B 36 -10.18 4.10 28.67
C ARG B 36 -8.91 4.60 29.35
N ARG B 37 -7.94 3.70 29.57
CA ARG B 37 -6.67 4.07 30.16
C ARG B 37 -5.90 5.02 29.25
N LEU B 38 -5.89 4.73 27.96
CA LEU B 38 -5.23 5.62 27.01
C LEU B 38 -5.99 6.90 26.80
N ALA B 39 -7.30 6.88 26.98
CA ALA B 39 -8.06 8.11 26.85
C ALA B 39 -7.80 9.03 28.03
N ARG B 40 -7.68 8.44 29.22
CA ARG B 40 -7.27 9.20 30.39
C ARG B 40 -5.84 9.68 30.27
N ARG B 41 -5.00 8.93 29.55
CA ARG B 41 -3.72 9.49 29.13
C ARG B 41 -3.91 10.68 28.21
N GLY B 42 -4.84 10.57 27.27
CA GLY B 42 -5.15 11.69 26.40
C GLY B 42 -5.90 12.80 27.07
N GLY B 43 -6.37 12.60 28.29
CA GLY B 43 -7.06 13.65 29.00
C GLY B 43 -8.49 13.78 28.53
N VAL B 44 -9.28 12.75 28.75
CA VAL B 44 -10.67 12.73 28.35
C VAL B 44 -11.52 12.59 29.59
N LYS B 45 -12.45 13.52 29.78
CA LYS B 45 -13.28 13.48 30.97
C LYS B 45 -14.31 12.37 30.89
N ARG B 46 -14.90 12.16 29.71
CA ARG B 46 -16.02 11.23 29.60
C ARG B 46 -16.07 10.70 28.19
N ILE B 47 -16.31 9.40 28.08
CA ILE B 47 -16.08 8.64 26.85
C ILE B 47 -17.37 7.94 26.47
N SER B 48 -17.79 8.07 25.21
CA SER B 48 -18.94 7.29 24.78
C SER B 48 -18.54 5.84 24.52
N GLY B 49 -19.55 5.00 24.31
CA GLY B 49 -19.31 3.58 24.18
C GLY B 49 -18.74 3.17 22.84
N LEU B 50 -19.13 3.86 21.77
CA LEU B 50 -18.71 3.49 20.42
C LEU B 50 -17.26 3.86 20.14
N ILE B 51 -16.64 4.61 21.05
CA ILE B 51 -15.22 4.92 20.98
C ILE B 51 -14.41 3.64 21.01
N TYR B 52 -14.88 2.64 21.75
CA TYR B 52 -14.21 1.35 21.88
C TYR B 52 -14.03 0.66 20.53
N GLU B 53 -15.14 0.39 19.85
CA GLU B 53 -15.11 -0.29 18.56
C GLU B 53 -14.43 0.57 17.51
N GLU B 54 -14.70 1.88 17.54
CA GLU B 54 -14.11 2.79 16.56
C GLU B 54 -12.59 2.83 16.71
N THR B 55 -12.12 2.89 17.94
CA THR B 55 -10.70 2.99 18.20
C THR B 55 -10.00 1.68 17.87
N ARG B 56 -10.67 0.55 18.13
CA ARG B 56 -10.14 -0.73 17.71
C ARG B 56 -9.97 -0.80 16.20
N GLY B 57 -10.97 -0.30 15.46
CA GLY B 57 -10.84 -0.26 14.01
C GLY B 57 -9.71 0.65 13.53
N VAL B 58 -9.58 1.81 14.17
CA VAL B 58 -8.56 2.78 13.77
C VAL B 58 -7.16 2.24 14.02
N LEU B 59 -6.95 1.68 15.21
CA LEU B 59 -5.67 1.07 15.52
C LEU B 59 -5.38 -0.11 14.62
N LYS B 60 -6.41 -0.88 14.25
CA LYS B 60 -6.19 -2.02 13.37
C LYS B 60 -5.73 -1.56 12.00
N VAL B 61 -6.33 -0.48 11.48
CA VAL B 61 -5.91 0.04 10.18
C VAL B 61 -4.50 0.62 10.24
N PHE B 62 -4.19 1.34 11.32
CA PHE B 62 -2.85 1.89 11.51
C PHE B 62 -1.79 0.81 11.61
N LEU B 63 -2.10 -0.27 12.31
CA LEU B 63 -1.18 -1.37 12.40
C LEU B 63 -1.03 -2.12 11.09
N GLU B 64 -2.10 -2.20 10.29
CA GLU B 64 -1.97 -2.71 8.93
C GLU B 64 -0.95 -1.90 8.14
N ASN B 65 -1.06 -0.57 8.24
CA ASN B 65 -0.15 0.33 7.54
C ASN B 65 1.29 0.12 7.94
N VAL B 66 1.56 -0.03 9.23
CA VAL B 66 2.94 -0.17 9.66
C VAL B 66 3.47 -1.58 9.36
N ILE B 67 2.65 -2.60 9.62
CA ILE B 67 3.12 -3.97 9.58
C ILE B 67 3.34 -4.45 8.15
N ARG B 68 2.58 -3.92 7.17
CA ARG B 68 2.92 -4.18 5.77
C ARG B 68 4.32 -3.71 5.44
N ASP B 69 4.69 -2.54 5.95
CA ASP B 69 6.00 -1.98 5.66
C ASP B 69 7.11 -2.79 6.30
N ALA B 70 6.89 -3.20 7.56
CA ALA B 70 7.92 -3.96 8.25
C ALA B 70 8.08 -5.35 7.67
N VAL B 71 6.97 -5.98 7.29
CA VAL B 71 7.03 -7.27 6.63
C VAL B 71 7.73 -7.15 5.28
N THR B 72 7.51 -6.04 4.58
CA THR B 72 8.16 -5.82 3.30
C THR B 72 9.67 -5.65 3.47
N TYR B 73 10.06 -4.97 4.55
CA TYR B 73 11.46 -4.88 4.92
C TYR B 73 12.06 -6.24 5.18
N THR B 74 11.31 -7.10 5.86
CA THR B 74 11.82 -8.45 6.14
C THR B 74 11.96 -9.26 4.85
N GLU B 75 11.02 -9.08 3.93
CA GLU B 75 11.06 -9.81 2.68
C GLU B 75 12.23 -9.33 1.82
N HIS B 76 12.51 -8.04 1.83
CA HIS B 76 13.64 -7.55 1.03
C HIS B 76 14.96 -7.89 1.68
N ALA B 77 15.03 -7.85 3.01
CA ALA B 77 16.20 -8.35 3.70
C ALA B 77 16.23 -9.87 3.75
N LYS B 78 15.16 -10.52 3.29
CA LYS B 78 15.10 -11.95 3.02
C LYS B 78 15.28 -12.76 4.29
N ARG B 79 14.89 -12.17 5.41
CA ARG B 79 14.92 -12.82 6.71
C ARG B 79 13.60 -13.55 6.93
N LYS B 80 13.35 -13.94 8.17
CA LYS B 80 12.02 -14.31 8.61
C LYS B 80 11.57 -13.46 9.78
N THR B 81 12.37 -12.47 10.15
CA THR B 81 12.25 -11.86 11.46
C THR B 81 12.01 -10.36 11.38
N VAL B 82 11.19 -9.88 12.31
CA VAL B 82 10.89 -8.48 12.44
C VAL B 82 11.86 -7.90 13.47
N THR B 83 12.83 -7.13 13.00
CA THR B 83 13.72 -6.47 13.93
C THR B 83 13.06 -5.19 14.44
N ALA B 84 13.73 -4.53 15.38
CA ALA B 84 13.30 -3.19 15.73
C ALA B 84 13.59 -2.22 14.60
N MET B 85 14.68 -2.45 13.85
CA MET B 85 15.09 -1.54 12.79
C MET B 85 14.06 -1.50 11.68
N ASP B 86 13.42 -2.64 11.41
CA ASP B 86 12.35 -2.71 10.44
C ASP B 86 11.19 -1.82 10.86
N VAL B 87 10.85 -1.85 12.14
CA VAL B 87 9.75 -1.06 12.65
C VAL B 87 10.07 0.42 12.57
N VAL B 88 11.31 0.77 12.91
CA VAL B 88 11.73 2.16 12.89
C VAL B 88 11.72 2.70 11.47
N TYR B 89 12.20 1.90 10.51
CA TYR B 89 12.18 2.35 9.13
C TYR B 89 10.76 2.39 8.58
N ALA B 90 9.90 1.51 9.07
CA ALA B 90 8.50 1.53 8.66
C ALA B 90 7.82 2.81 9.11
N LEU B 91 8.01 3.17 10.36
CA LEU B 91 7.47 4.42 10.88
C LEU B 91 8.16 5.62 10.27
N LYS B 92 9.39 5.44 9.80
CA LYS B 92 10.07 6.51 9.07
C LYS B 92 9.39 6.77 7.76
N ARG B 93 9.03 5.72 7.04
CA ARG B 93 8.24 5.91 5.84
C ARG B 93 6.81 6.31 6.11
N GLN B 94 6.32 6.11 7.32
CA GLN B 94 5.02 6.67 7.67
C GLN B 94 5.05 8.18 7.81
N GLY B 95 6.23 8.80 7.93
CA GLY B 95 6.25 10.20 8.30
C GLY B 95 5.96 10.42 9.75
N ARG B 96 6.06 9.38 10.57
CA ARG B 96 5.91 9.47 12.02
C ARG B 96 7.12 8.77 12.62
N THR B 97 8.21 9.51 12.77
CA THR B 97 9.49 8.93 13.15
C THR B 97 9.50 8.62 14.63
N LEU B 98 9.91 7.40 14.96
CA LEU B 98 10.08 6.97 16.35
C LEU B 98 11.55 6.79 16.65
N TYR B 99 11.96 7.17 17.84
CA TYR B 99 13.34 7.01 18.27
C TYR B 99 13.47 5.84 19.25
N GLY B 100 14.65 5.71 19.83
CA GLY B 100 14.88 4.76 20.88
C GLY B 100 15.25 3.37 20.43
N PHE B 101 15.27 3.12 19.12
CA PHE B 101 15.59 1.79 18.64
C PHE B 101 16.47 1.79 17.40
N GLY B 102 16.92 2.95 16.93
CA GLY B 102 17.78 3.01 15.77
C GLY B 102 17.56 4.23 14.90
N ARG C 12 30.00 -6.69 -35.34
CA ARG C 12 29.79 -5.58 -36.27
C ARG C 12 28.31 -5.34 -36.49
N ALA C 13 27.50 -5.83 -35.56
CA ALA C 13 26.05 -5.75 -35.69
C ALA C 13 25.57 -4.32 -35.51
N LYS C 14 24.37 -4.05 -36.04
CA LYS C 14 23.75 -2.75 -35.88
C LYS C 14 23.29 -2.55 -34.45
N ALA C 15 23.19 -1.28 -34.06
CA ALA C 15 22.74 -0.95 -32.72
C ALA C 15 21.23 -1.14 -32.60
N LYS C 16 20.82 -2.00 -31.67
CA LYS C 16 19.42 -2.05 -31.29
C LYS C 16 19.16 -0.97 -30.25
N THR C 17 17.93 -0.91 -29.74
CA THR C 17 17.59 0.02 -28.70
C THR C 17 17.05 -0.73 -27.50
N ARG C 18 17.41 -0.26 -26.31
CA ARG C 18 17.12 -1.02 -25.11
C ARG C 18 15.65 -0.98 -24.75
N SER C 19 14.94 0.07 -25.15
CA SER C 19 13.50 0.10 -24.92
C SER C 19 12.80 -0.94 -25.78
N SER C 20 13.23 -1.07 -27.04
CA SER C 20 12.73 -2.16 -27.87
C SER C 20 13.30 -3.49 -27.40
N ARG C 21 14.52 -3.49 -26.86
CA ARG C 21 15.03 -4.71 -26.23
C ARG C 21 14.23 -5.05 -24.99
N ALA C 22 13.74 -4.03 -24.28
CA ALA C 22 12.73 -4.28 -23.25
C ALA C 22 11.34 -4.38 -23.83
N GLY C 23 11.17 -4.12 -25.12
CA GLY C 23 9.85 -4.14 -25.72
C GLY C 23 8.96 -3.04 -25.21
N LEU C 24 9.51 -1.87 -24.92
CA LEU C 24 8.76 -0.83 -24.23
C LEU C 24 8.77 0.50 -24.94
N GLN C 25 8.31 1.53 -24.24
CA GLN C 25 8.23 2.88 -24.77
C GLN C 25 9.08 3.88 -24.03
N PHE C 26 9.45 3.61 -22.81
CA PHE C 26 10.15 4.64 -22.05
C PHE C 26 11.66 4.54 -22.20
N PRO C 27 12.37 5.67 -22.11
CA PRO C 27 13.81 5.66 -22.39
C PRO C 27 14.64 4.96 -21.34
N VAL C 28 15.18 3.80 -21.72
CA VAL C 28 16.08 3.08 -20.83
C VAL C 28 17.35 3.88 -20.59
N GLY C 29 17.89 4.47 -21.66
CA GLY C 29 19.15 5.18 -21.53
C GLY C 29 19.04 6.43 -20.70
N ARG C 30 17.95 7.16 -20.84
CA ARG C 30 17.80 8.39 -20.09
C ARG C 30 17.59 8.11 -18.61
N VAL C 31 16.81 7.08 -18.30
CA VAL C 31 16.58 6.70 -16.91
C VAL C 31 17.87 6.17 -16.30
N HIS C 32 18.65 5.42 -17.07
CA HIS C 32 19.93 4.93 -16.57
C HIS C 32 20.90 6.07 -16.32
N ARG C 33 20.88 7.07 -17.20
CA ARG C 33 21.73 8.25 -17.02
C ARG C 33 21.33 9.02 -15.78
N LEU C 34 20.03 9.16 -15.55
CA LEU C 34 19.61 9.90 -14.37
C LEU C 34 19.85 9.11 -13.09
N LEU C 35 19.85 7.78 -13.18
CA LEU C 35 20.19 6.99 -12.01
C LEU C 35 21.67 7.09 -11.69
N ARG C 36 22.51 7.19 -12.72
CA ARG C 36 23.93 7.42 -12.46
C ARG C 36 24.14 8.82 -11.90
N LYS C 37 23.58 9.83 -12.55
CA LYS C 37 23.78 11.19 -12.12
C LYS C 37 22.94 11.58 -10.93
N GLY C 38 22.01 10.74 -10.52
CA GLY C 38 21.22 11.10 -9.36
C GLY C 38 21.93 10.96 -8.03
N ASN C 39 23.08 10.27 -8.01
CA ASN C 39 23.84 9.95 -6.81
C ASN C 39 22.96 9.18 -5.82
N TYR C 40 22.56 8.00 -6.24
CA TYR C 40 21.62 7.18 -5.50
C TYR C 40 22.28 5.95 -4.88
N ALA C 41 23.06 5.23 -5.65
CA ALA C 41 24.04 4.29 -5.15
C ALA C 41 25.36 4.54 -5.85
N GLU C 42 26.38 3.80 -5.44
CA GLU C 42 27.64 3.87 -6.17
C GLU C 42 27.48 3.28 -7.56
N ARG C 43 26.75 2.18 -7.65
CA ARG C 43 26.58 1.46 -8.90
C ARG C 43 25.09 1.25 -9.13
N VAL C 44 24.74 0.91 -10.37
CA VAL C 44 23.35 0.82 -10.79
C VAL C 44 23.14 -0.50 -11.51
N GLY C 45 22.16 -1.28 -11.05
CA GLY C 45 21.90 -2.57 -11.64
C GLY C 45 21.35 -2.49 -13.05
N ALA C 46 21.34 -3.66 -13.71
CA ALA C 46 20.94 -3.71 -15.11
C ALA C 46 19.43 -3.67 -15.27
N GLY C 47 18.71 -4.53 -14.55
CA GLY C 47 17.27 -4.53 -14.65
C GLY C 47 16.59 -3.41 -13.89
N ALA C 48 17.35 -2.64 -13.11
CA ALA C 48 16.75 -1.58 -12.30
C ALA C 48 16.14 -0.45 -13.12
N PRO C 49 16.83 0.19 -14.09
CA PRO C 49 16.14 1.24 -14.83
C PRO C 49 15.09 0.70 -15.77
N VAL C 50 15.22 -0.56 -16.20
CA VAL C 50 14.18 -1.20 -17.00
C VAL C 50 12.90 -1.30 -16.19
N TYR C 51 13.02 -1.86 -14.99
CA TYR C 51 11.90 -1.98 -14.07
C TYR C 51 11.30 -0.62 -13.75
N LEU C 52 12.16 0.38 -13.59
CA LEU C 52 11.69 1.70 -13.18
C LEU C 52 10.96 2.39 -14.32
N ALA C 53 11.46 2.24 -15.55
CA ALA C 53 10.77 2.77 -16.71
C ALA C 53 9.44 2.10 -16.91
N ALA C 54 9.36 0.80 -16.60
CA ALA C 54 8.07 0.11 -16.64
C ALA C 54 7.11 0.67 -15.62
N VAL C 55 7.61 0.98 -14.43
CA VAL C 55 6.75 1.51 -13.36
C VAL C 55 6.22 2.88 -13.76
N LEU C 56 7.07 3.72 -14.34
CA LEU C 56 6.62 5.00 -14.85
C LEU C 56 5.65 4.82 -16.02
N GLU C 57 5.88 3.80 -16.84
CA GLU C 57 4.99 3.52 -17.96
C GLU C 57 3.60 3.16 -17.47
N TYR C 58 3.52 2.32 -16.44
CA TYR C 58 2.22 1.95 -15.90
C TYR C 58 1.54 3.12 -15.21
N LEU C 59 2.30 3.93 -14.49
CA LEU C 59 1.70 5.09 -13.82
C LEU C 59 1.21 6.12 -14.80
N THR C 60 1.98 6.39 -15.83
CA THR C 60 1.59 7.38 -16.83
C THR C 60 0.41 6.87 -17.62
N ALA C 61 0.39 5.58 -17.95
CA ALA C 61 -0.75 5.01 -18.66
C ALA C 61 -2.00 5.04 -17.81
N GLU C 62 -1.85 4.78 -16.51
CA GLU C 62 -3.01 4.76 -15.63
C GLU C 62 -3.57 6.16 -15.43
N ILE C 63 -2.69 7.17 -15.34
CA ILE C 63 -3.22 8.50 -15.12
C ILE C 63 -3.77 9.08 -16.42
N LEU C 64 -3.19 8.75 -17.58
CA LEU C 64 -3.72 9.30 -18.81
C LEU C 64 -4.96 8.58 -19.29
N GLU C 65 -5.16 7.33 -18.85
CA GLU C 65 -6.44 6.67 -19.06
C GLU C 65 -7.58 7.48 -18.45
N LEU C 66 -7.43 7.83 -17.19
CA LEU C 66 -8.48 8.59 -16.52
C LEU C 66 -8.51 10.03 -17.01
N ALA C 67 -7.37 10.54 -17.48
CA ALA C 67 -7.35 11.88 -18.06
C ALA C 67 -8.15 11.94 -19.35
N GLY C 68 -7.95 10.98 -20.24
CA GLY C 68 -8.75 10.88 -21.44
C GLY C 68 -10.19 10.57 -21.14
N ASN C 69 -10.46 9.85 -20.06
CA ASN C 69 -11.82 9.61 -19.63
C ASN C 69 -12.53 10.90 -19.25
N ALA C 70 -11.88 11.73 -18.44
CA ALA C 70 -12.45 13.02 -18.07
C ALA C 70 -12.55 13.96 -19.26
N ALA C 71 -11.58 13.87 -20.18
CA ALA C 71 -11.62 14.72 -21.36
C ALA C 71 -12.78 14.38 -22.27
N ARG C 72 -13.06 13.09 -22.46
CA ARG C 72 -14.22 12.69 -23.23
C ARG C 72 -15.51 12.99 -22.47
N ASP C 73 -15.44 12.98 -21.13
CA ASP C 73 -16.58 13.41 -20.33
C ASP C 73 -16.88 14.89 -20.54
N ASN C 74 -15.86 15.68 -20.78
CA ASN C 74 -16.05 17.06 -21.21
C ASN C 74 -15.99 17.21 -22.73
N LYS C 75 -15.85 16.09 -23.45
CA LYS C 75 -15.77 16.05 -24.92
C LYS C 75 -14.66 16.96 -25.44
N LYS C 76 -13.46 16.77 -24.92
CA LYS C 76 -12.32 17.56 -25.30
C LYS C 76 -11.18 16.64 -25.74
N THR C 77 -10.32 17.19 -26.58
CA THR C 77 -9.19 16.45 -27.15
C THR C 77 -7.87 16.85 -26.51
N ARG C 78 -7.53 18.14 -26.52
CA ARG C 78 -6.35 18.60 -25.82
C ARG C 78 -6.59 18.53 -24.33
N ILE C 79 -5.88 17.63 -23.65
CA ILE C 79 -6.08 17.47 -22.20
C ILE C 79 -5.50 18.68 -21.48
N ILE C 80 -6.36 19.36 -20.74
CA ILE C 80 -6.00 20.53 -19.96
C ILE C 80 -5.70 20.04 -18.55
N PRO C 81 -5.10 20.85 -17.66
CA PRO C 81 -4.86 20.39 -16.28
C PRO C 81 -6.10 20.02 -15.47
N ARG C 82 -7.28 20.48 -15.86
CA ARG C 82 -8.50 20.13 -15.16
C ARG C 82 -8.74 18.63 -15.17
N HIS C 83 -8.52 17.99 -16.31
CA HIS C 83 -8.81 16.57 -16.40
C HIS C 83 -7.79 15.75 -15.64
N LEU C 84 -6.53 16.21 -15.61
CA LEU C 84 -5.55 15.55 -14.77
C LEU C 84 -5.90 15.68 -13.31
N GLN C 85 -6.40 16.85 -12.91
CA GLN C 85 -6.80 17.10 -11.53
C GLN C 85 -7.94 16.18 -11.13
N LEU C 86 -8.94 16.08 -11.99
CA LEU C 86 -10.08 15.22 -11.72
C LEU C 86 -9.68 13.76 -11.78
N ALA C 87 -8.72 13.43 -12.64
CA ALA C 87 -8.25 12.05 -12.74
C ALA C 87 -7.52 11.64 -11.48
N VAL C 88 -6.79 12.58 -10.88
CA VAL C 88 -6.12 12.28 -9.63
C VAL C 88 -7.13 12.15 -8.50
N ARG C 89 -7.87 13.21 -8.23
CA ARG C 89 -8.66 13.20 -7.00
C ARG C 89 -9.98 12.45 -7.14
N ASN C 90 -10.32 11.94 -8.31
CA ASN C 90 -11.49 11.09 -8.39
C ASN C 90 -11.16 9.62 -8.18
N ASP C 91 -9.95 9.20 -8.50
CA ASP C 91 -9.60 7.81 -8.27
C ASP C 91 -9.31 7.57 -6.80
N GLU C 92 -9.60 6.35 -6.36
CA GLU C 92 -9.42 5.98 -4.96
C GLU C 92 -7.94 5.86 -4.60
N GLU C 93 -7.23 4.94 -5.27
CA GLU C 93 -5.85 4.69 -4.89
C GLU C 93 -4.92 5.81 -5.32
N LEU C 94 -5.23 6.50 -6.42
CA LEU C 94 -4.36 7.56 -6.88
C LEU C 94 -4.38 8.76 -5.94
N ASN C 95 -5.53 9.05 -5.34
CA ASN C 95 -5.58 10.17 -4.44
C ASN C 95 -4.84 9.87 -3.16
N LYS C 96 -4.92 8.63 -2.69
CA LYS C 96 -4.14 8.19 -1.54
C LYS C 96 -2.65 8.20 -1.86
N LEU C 97 -2.29 7.91 -3.09
CA LEU C 97 -0.92 8.10 -3.52
C LEU C 97 -0.52 9.56 -3.48
N LEU C 98 -1.42 10.43 -3.90
CA LEU C 98 -1.07 11.81 -4.20
C LEU C 98 -1.80 12.77 -3.28
N GLY C 99 -1.98 12.36 -2.02
CA GLY C 99 -2.60 13.26 -1.06
C GLY C 99 -1.71 14.42 -0.70
N ARG C 100 -0.41 14.20 -0.65
CA ARG C 100 0.57 15.24 -0.41
C ARG C 100 0.99 15.95 -1.69
N VAL C 101 0.16 15.89 -2.72
CA VAL C 101 0.50 16.36 -4.06
C VAL C 101 -0.52 17.37 -4.51
N THR C 102 -0.05 18.48 -5.04
CA THR C 102 -0.90 19.55 -5.54
C THR C 102 -0.62 19.73 -7.03
N ILE C 103 -1.69 19.84 -7.82
CA ILE C 103 -1.56 20.06 -9.25
C ILE C 103 -2.18 21.39 -9.61
N ALA C 104 -1.40 22.23 -10.29
CA ALA C 104 -1.82 23.57 -10.67
C ALA C 104 -2.89 23.52 -11.74
N GLN C 105 -3.64 24.62 -11.83
CA GLN C 105 -4.61 24.88 -12.90
C GLN C 105 -5.72 23.84 -12.97
N GLY C 106 -6.07 23.25 -11.84
CA GLY C 106 -7.10 22.24 -11.85
C GLY C 106 -8.28 22.57 -10.98
N GLY C 107 -8.04 23.30 -9.91
CA GLY C 107 -9.12 23.50 -8.96
C GLY C 107 -9.41 22.21 -8.22
N VAL C 108 -10.65 22.05 -7.79
CA VAL C 108 -10.98 20.92 -6.94
C VAL C 108 -12.07 20.07 -7.55
N LEU C 109 -12.46 19.04 -6.82
CA LEU C 109 -13.56 18.19 -7.18
C LEU C 109 -14.87 18.96 -7.07
N PRO C 110 -15.91 18.48 -7.72
CA PRO C 110 -17.24 18.95 -7.34
C PRO C 110 -17.55 18.42 -5.95
N ASN C 111 -17.44 19.29 -4.97
CA ASN C 111 -17.47 18.90 -3.57
C ASN C 111 -18.53 19.77 -2.89
N ILE C 112 -19.69 19.19 -2.63
CA ILE C 112 -20.77 19.88 -1.95
C ILE C 112 -21.06 19.15 -0.67
N GLN C 113 -20.97 19.85 0.44
CA GLN C 113 -21.34 19.28 1.73
C GLN C 113 -22.85 19.28 1.85
N SER C 114 -23.42 18.08 1.97
CA SER C 114 -24.86 17.89 1.78
C SER C 114 -25.70 18.53 2.87
N VAL C 115 -25.11 18.83 4.03
CA VAL C 115 -25.85 19.51 5.07
C VAL C 115 -26.02 20.99 4.78
N LEU C 116 -25.24 21.53 3.86
CA LEU C 116 -25.45 22.92 3.44
C LEU C 116 -26.51 23.03 2.37
N LEU C 117 -26.89 21.91 1.75
CA LEU C 117 -27.98 21.91 0.80
C LEU C 117 -29.30 22.17 1.52
N PRO C 118 -30.24 22.87 0.89
CA PRO C 118 -31.54 23.11 1.52
C PRO C 118 -32.43 21.87 1.43
N LYS C 119 -33.65 22.04 1.92
CA LYS C 119 -34.65 20.97 1.90
C LYS C 119 -35.10 20.63 0.48
N ARG D 28 18.36 28.21 -31.79
CA ARG D 28 19.43 27.82 -30.89
C ARG D 28 18.97 27.92 -29.44
N LYS D 29 18.68 26.77 -28.83
CA LYS D 29 18.59 26.67 -27.39
C LYS D 29 19.32 25.42 -26.93
N THR D 30 19.61 25.36 -25.64
CA THR D 30 20.30 24.22 -25.06
C THR D 30 19.31 23.07 -24.91
N ARG D 31 19.75 21.87 -25.29
CA ARG D 31 18.87 20.70 -25.35
C ARG D 31 18.54 20.26 -23.92
N LYS D 32 17.55 20.92 -23.35
CA LYS D 32 17.08 20.55 -22.03
C LYS D 32 16.33 19.24 -22.09
N GLU D 33 16.37 18.50 -20.98
CA GLU D 33 15.62 17.26 -20.88
C GLU D 33 14.14 17.54 -20.74
N SER D 34 13.34 16.60 -21.22
CA SER D 34 11.91 16.59 -20.99
C SER D 34 11.44 15.16 -21.20
N TYR D 35 10.17 14.93 -20.89
CA TYR D 35 9.56 13.63 -21.13
C TYR D 35 8.49 13.70 -22.19
N ALA D 36 8.52 14.77 -23.00
CA ALA D 36 7.36 15.18 -23.77
C ALA D 36 7.01 14.20 -24.87
N ILE D 37 8.03 13.67 -25.56
CA ILE D 37 7.75 12.70 -26.62
C ILE D 37 7.27 11.39 -26.03
N TYR D 38 7.63 11.10 -24.80
CA TYR D 38 7.17 9.87 -24.21
C TYR D 38 5.76 10.01 -23.69
N VAL D 39 5.42 11.20 -23.21
CA VAL D 39 4.02 11.48 -22.89
C VAL D 39 3.20 11.47 -24.17
N TYR D 40 3.79 11.89 -25.29
CA TYR D 40 3.12 11.79 -26.58
C TYR D 40 2.86 10.35 -26.96
N LYS D 41 3.87 9.48 -26.80
CA LYS D 41 3.72 8.08 -27.15
C LYS D 41 2.67 7.41 -26.26
N VAL D 42 2.71 7.70 -24.96
CA VAL D 42 1.75 7.14 -24.03
C VAL D 42 0.35 7.64 -24.34
N LEU D 43 0.24 8.93 -24.68
CA LEU D 43 -1.04 9.54 -24.97
C LEU D 43 -1.65 8.99 -26.23
N LYS D 44 -0.85 8.81 -27.28
CA LYS D 44 -1.37 8.23 -28.51
C LYS D 44 -1.71 6.76 -28.32
N GLN D 45 -0.87 6.02 -27.60
CA GLN D 45 -1.11 4.60 -27.41
C GLN D 45 -2.23 4.31 -26.42
N VAL D 46 -2.70 5.30 -25.68
CA VAL D 46 -3.91 5.05 -24.91
C VAL D 46 -5.10 5.57 -25.71
N HIS D 47 -4.91 6.65 -26.47
CA HIS D 47 -6.01 7.25 -27.22
C HIS D 47 -5.48 7.88 -28.50
N PRO D 48 -5.97 7.46 -29.66
CA PRO D 48 -5.30 7.83 -30.92
C PRO D 48 -5.41 9.30 -31.29
N ASP D 49 -6.52 9.95 -30.96
CA ASP D 49 -6.73 11.34 -31.34
C ASP D 49 -7.07 12.17 -30.12
N THR D 50 -6.22 12.08 -29.10
CA THR D 50 -6.36 12.88 -27.90
C THR D 50 -5.08 13.69 -27.72
N GLY D 51 -5.23 14.99 -27.44
CA GLY D 51 -4.11 15.88 -27.28
C GLY D 51 -3.84 16.20 -25.81
N ILE D 52 -2.99 17.21 -25.63
CA ILE D 52 -2.56 17.64 -24.30
C ILE D 52 -2.25 19.12 -24.37
N SER D 53 -2.65 19.87 -23.36
CA SER D 53 -2.19 21.23 -23.23
C SER D 53 -0.77 21.25 -22.70
N SER D 54 -0.02 22.28 -23.09
CA SER D 54 1.40 22.33 -22.75
C SER D 54 1.61 22.54 -21.26
N LYS D 55 0.69 23.23 -20.59
CA LYS D 55 0.70 23.29 -19.14
C LYS D 55 0.56 21.90 -18.55
N ALA D 56 -0.35 21.10 -19.09
CA ALA D 56 -0.50 19.72 -18.64
C ALA D 56 0.71 18.88 -19.01
N MET D 57 1.40 19.23 -20.09
CA MET D 57 2.63 18.55 -20.44
C MET D 57 3.70 18.78 -19.39
N SER D 58 3.86 20.03 -18.96
CA SER D 58 4.82 20.32 -17.91
C SER D 58 4.39 19.70 -16.59
N ILE D 59 3.08 19.60 -16.35
CA ILE D 59 2.58 18.92 -15.15
C ILE D 59 2.98 17.47 -15.15
N MET D 60 2.76 16.78 -16.27
CA MET D 60 3.08 15.36 -16.35
C MET D 60 4.58 15.13 -16.27
N ASN D 61 5.36 16.04 -16.83
CA ASN D 61 6.81 15.93 -16.74
C ASN D 61 7.26 16.05 -15.29
N SER D 62 6.71 17.02 -14.58
CA SER D 62 7.04 17.20 -13.18
C SER D 62 6.54 16.02 -12.34
N PHE D 63 5.41 15.45 -12.71
CA PHE D 63 4.87 14.29 -12.01
C PHE D 63 5.79 13.10 -12.12
N VAL D 64 6.25 12.81 -13.32
CA VAL D 64 7.08 11.64 -13.51
C VAL D 64 8.44 11.86 -12.88
N ASN D 65 8.94 13.10 -12.88
CA ASN D 65 10.17 13.37 -12.16
C ASN D 65 9.99 13.21 -10.66
N ASP D 66 8.81 13.55 -10.14
CA ASP D 66 8.53 13.36 -8.72
C ASP D 66 8.53 11.88 -8.35
N VAL D 67 7.81 11.07 -9.13
CA VAL D 67 7.69 9.64 -8.84
C VAL D 67 9.04 8.97 -8.97
N PHE D 68 9.81 9.40 -9.97
CA PHE D 68 11.17 8.93 -10.17
C PHE D 68 12.05 9.23 -8.97
N GLU D 69 11.99 10.46 -8.45
CA GLU D 69 12.81 10.82 -7.29
C GLU D 69 12.38 10.07 -6.05
N ARG D 70 11.07 9.85 -5.88
CA ARG D 70 10.59 9.11 -4.72
C ARG D 70 11.08 7.67 -4.73
N ILE D 71 10.93 7.00 -5.87
CA ILE D 71 11.32 5.60 -5.92
C ILE D 71 12.83 5.46 -5.86
N ALA D 72 13.56 6.40 -6.46
CA ALA D 72 15.02 6.35 -6.39
C ALA D 72 15.51 6.57 -4.97
N GLY D 73 14.91 7.51 -4.25
CA GLY D 73 15.31 7.75 -2.86
C GLY D 73 14.96 6.58 -1.96
N GLU D 74 13.83 5.93 -2.21
CA GLU D 74 13.46 4.81 -1.36
C GLU D 74 14.33 3.59 -1.62
N ALA D 75 14.67 3.34 -2.89
CA ALA D 75 15.58 2.25 -3.18
C ALA D 75 16.97 2.55 -2.66
N SER D 76 17.37 3.82 -2.66
CA SER D 76 18.66 4.19 -2.10
C SER D 76 18.68 3.98 -0.60
N ARG D 77 17.60 4.34 0.08
CA ARG D 77 17.53 4.08 1.52
C ARG D 77 17.49 2.59 1.81
N LEU D 78 16.86 1.80 0.94
CA LEU D 78 16.84 0.36 1.17
C LEU D 78 18.23 -0.24 1.01
N ALA D 79 18.95 0.17 -0.03
CA ALA D 79 20.31 -0.31 -0.21
C ALA D 79 21.22 0.18 0.90
N HIS D 80 20.92 1.36 1.44
CA HIS D 80 21.61 1.83 2.63
C HIS D 80 21.29 0.95 3.83
N TYR D 81 20.04 0.51 3.93
CA TYR D 81 19.61 -0.26 5.09
C TYR D 81 20.03 -1.72 5.00
N ASN D 82 20.48 -2.16 3.85
CA ASN D 82 20.98 -3.52 3.72
C ASN D 82 22.38 -3.56 3.16
N LYS D 83 23.05 -2.41 3.07
CA LYS D 83 24.49 -2.28 2.84
C LYS D 83 24.89 -2.88 1.49
N ARG D 84 24.42 -2.24 0.44
CA ARG D 84 24.78 -2.62 -0.91
C ARG D 84 25.56 -1.49 -1.57
N SER D 85 25.86 -1.69 -2.85
CA SER D 85 26.46 -0.66 -3.67
C SER D 85 25.74 -0.49 -5.01
N THR D 86 24.87 -1.43 -5.37
CA THR D 86 24.30 -1.51 -6.71
C THR D 86 22.80 -1.73 -6.56
N ILE D 87 22.01 -0.70 -6.83
CA ILE D 87 20.57 -0.85 -6.72
C ILE D 87 20.08 -1.66 -7.93
N THR D 88 19.44 -2.78 -7.67
CA THR D 88 18.90 -3.63 -8.71
C THR D 88 17.39 -3.45 -8.75
N SER D 89 16.76 -4.20 -9.65
CA SER D 89 15.32 -4.15 -9.78
C SER D 89 14.61 -4.79 -8.59
N ARG D 90 15.32 -5.59 -7.80
CA ARG D 90 14.78 -6.07 -6.54
C ARG D 90 14.42 -4.92 -5.61
N GLU D 91 15.35 -3.96 -5.48
CA GLU D 91 15.12 -2.82 -4.60
C GLU D 91 14.04 -1.91 -5.14
N ILE D 92 13.99 -1.76 -6.47
CA ILE D 92 12.95 -0.95 -7.08
C ILE D 92 11.59 -1.59 -6.85
N GLN D 93 11.53 -2.91 -6.98
CA GLN D 93 10.32 -3.66 -6.71
C GLN D 93 9.87 -3.48 -5.28
N THR D 94 10.80 -3.54 -4.35
CA THR D 94 10.45 -3.41 -2.95
C THR D 94 9.97 -1.99 -2.65
N ALA D 95 10.64 -0.97 -3.18
CA ALA D 95 10.20 0.39 -2.93
C ALA D 95 8.88 0.71 -3.60
N VAL D 96 8.62 0.08 -4.75
CA VAL D 96 7.29 0.16 -5.38
C VAL D 96 6.24 -0.43 -4.48
N ARG D 97 6.54 -1.61 -3.91
CA ARG D 97 5.63 -2.27 -2.98
C ARG D 97 5.44 -1.45 -1.71
N LEU D 98 6.43 -0.65 -1.35
CA LEU D 98 6.33 0.21 -0.19
C LEU D 98 5.51 1.46 -0.47
N LEU D 99 5.66 2.02 -1.66
CA LEU D 99 5.13 3.36 -1.88
C LEU D 99 3.77 3.35 -2.56
N LEU D 100 3.48 2.37 -3.32
CA LEU D 100 2.20 2.51 -3.96
C LEU D 100 1.11 1.87 -3.12
N PRO D 101 -0.07 2.42 -3.14
CA PRO D 101 -1.19 1.80 -2.41
C PRO D 101 -1.86 0.69 -3.21
N GLY D 102 -1.73 -0.54 -2.72
CA GLY D 102 -2.66 -1.61 -3.10
C GLY D 102 -2.51 -2.13 -4.51
N GLU D 103 -3.65 -2.14 -5.21
CA GLU D 103 -3.76 -2.76 -6.53
C GLU D 103 -2.92 -2.03 -7.55
N LEU D 104 -2.68 -0.74 -7.31
CA LEU D 104 -1.72 0.04 -8.06
C LEU D 104 -0.35 -0.62 -8.07
N ALA D 105 0.15 -0.94 -6.87
CA ALA D 105 1.41 -1.66 -6.76
C ALA D 105 1.31 -3.05 -7.34
N LYS D 106 0.17 -3.71 -7.14
CA LYS D 106 -0.01 -5.08 -7.60
C LYS D 106 0.04 -5.19 -9.11
N HIS D 107 -0.34 -4.14 -9.82
CA HIS D 107 -0.17 -4.15 -11.26
C HIS D 107 1.17 -3.59 -11.70
N ALA D 108 1.72 -2.62 -10.97
CA ALA D 108 2.96 -1.99 -11.38
C ALA D 108 4.13 -2.97 -11.29
N VAL D 109 4.12 -3.82 -10.27
CA VAL D 109 5.17 -4.82 -10.13
C VAL D 109 5.10 -5.83 -11.26
N SER D 110 3.89 -6.17 -11.68
CA SER D 110 3.72 -7.10 -12.79
C SER D 110 4.14 -6.47 -14.11
N GLU D 111 3.91 -5.17 -14.27
CA GLU D 111 4.40 -4.45 -15.44
C GLU D 111 5.92 -4.49 -15.49
N GLY D 112 6.55 -4.23 -14.34
CA GLY D 112 7.99 -4.35 -14.27
C GLY D 112 8.48 -5.76 -14.49
N THR D 113 7.70 -6.76 -14.07
CA THR D 113 8.06 -8.15 -14.24
C THR D 113 8.11 -8.52 -15.71
N LYS D 114 7.04 -8.18 -16.44
CA LYS D 114 6.98 -8.37 -17.88
C LYS D 114 8.11 -7.65 -18.59
N ALA D 115 8.39 -6.41 -18.18
CA ALA D 115 9.36 -5.61 -18.93
C ALA D 115 10.78 -6.09 -18.71
N VAL D 116 11.13 -6.41 -17.46
CA VAL D 116 12.45 -6.96 -17.19
C VAL D 116 12.60 -8.33 -17.81
N THR D 117 11.50 -9.10 -17.89
CA THR D 117 11.55 -10.39 -18.58
C THR D 117 11.84 -10.21 -20.06
N CYS D 118 11.18 -9.23 -20.68
CA CYS D 118 11.42 -8.97 -22.09
C CYS D 118 12.83 -8.43 -22.33
N TYR D 119 13.33 -7.62 -21.41
CA TYR D 119 14.67 -7.10 -21.53
C TYR D 119 15.73 -8.15 -21.28
N THR D 120 15.37 -9.21 -20.55
CA THR D 120 16.34 -10.20 -20.13
C THR D 120 16.90 -10.98 -21.32
N SER D 121 16.02 -11.53 -22.14
CA SER D 121 16.45 -12.21 -23.35
C SER D 121 16.47 -11.24 -24.52
N PRO E 39 -38.32 43.67 -7.85
CA PRO E 39 -37.40 43.52 -6.72
C PRO E 39 -37.10 42.05 -6.41
N HIS E 40 -36.81 41.27 -7.45
CA HIS E 40 -36.53 39.86 -7.28
C HIS E 40 -35.17 39.67 -6.64
N ARG E 41 -35.14 39.03 -5.47
CA ARG E 41 -33.90 38.74 -4.76
C ARG E 41 -33.98 37.32 -4.23
N TYR E 42 -32.90 36.56 -4.43
CA TYR E 42 -32.85 35.19 -3.94
C TYR E 42 -32.73 35.16 -2.42
N ARG E 43 -33.12 34.03 -1.84
CA ARG E 43 -32.77 33.74 -0.47
C ARG E 43 -31.28 33.42 -0.36
N PRO E 44 -30.67 33.62 0.81
CA PRO E 44 -29.28 33.19 0.98
C PRO E 44 -29.16 31.68 0.93
N GLY E 45 -27.97 31.22 0.56
CA GLY E 45 -27.76 29.81 0.37
C GLY E 45 -27.89 29.42 -1.08
N THR E 46 -28.86 30.02 -1.78
CA THR E 46 -28.92 29.89 -3.23
C THR E 46 -27.66 30.47 -3.85
N VAL E 47 -27.46 31.78 -3.69
CA VAL E 47 -26.31 32.51 -4.22
C VAL E 47 -25.00 32.02 -3.60
N ALA E 48 -25.07 31.30 -2.49
CA ALA E 48 -23.94 30.46 -2.10
C ALA E 48 -23.74 29.32 -3.10
N LEU E 49 -24.72 28.41 -3.20
CA LEU E 49 -24.48 27.10 -3.81
C LEU E 49 -24.36 27.20 -5.32
N ARG E 50 -25.23 27.95 -5.96
CA ARG E 50 -24.87 28.42 -7.28
C ARG E 50 -23.76 29.44 -7.09
N GLU E 51 -22.71 29.26 -7.89
CA GLU E 51 -21.34 29.78 -7.88
C GLU E 51 -20.42 29.11 -6.87
N ILE E 52 -20.93 28.31 -5.92
CA ILE E 52 -20.08 27.25 -5.41
C ILE E 52 -19.85 26.21 -6.50
N ARG E 53 -20.91 25.88 -7.22
CA ARG E 53 -20.80 24.98 -8.37
C ARG E 53 -19.91 25.59 -9.46
N ARG E 54 -20.11 26.89 -9.74
CA ARG E 54 -19.32 27.55 -10.77
C ARG E 54 -17.87 27.70 -10.36
N TYR E 55 -17.59 27.91 -9.08
CA TYR E 55 -16.20 28.02 -8.69
C TYR E 55 -15.52 26.65 -8.60
N GLN E 56 -16.27 25.60 -8.26
CA GLN E 56 -15.69 24.28 -8.30
C GLN E 56 -15.51 23.77 -9.72
N LYS E 57 -16.26 24.29 -10.68
CA LYS E 57 -16.05 23.87 -12.06
C LYS E 57 -15.07 24.77 -12.79
N SER E 58 -15.44 26.04 -12.97
CA SER E 58 -14.60 27.04 -13.63
C SER E 58 -13.48 27.40 -12.66
N THR E 59 -12.29 26.87 -12.92
CA THR E 59 -11.18 26.95 -11.99
C THR E 59 -9.97 27.55 -12.70
N GLU E 60 -9.70 28.84 -12.51
CA GLU E 60 -8.50 29.43 -13.08
C GLU E 60 -7.51 29.94 -12.03
N LEU E 61 -7.80 31.03 -11.33
CA LEU E 61 -7.00 31.47 -10.20
C LEU E 61 -7.90 31.93 -9.08
N LEU E 62 -8.96 32.65 -9.47
CA LEU E 62 -9.94 33.26 -8.58
C LEU E 62 -9.32 34.21 -7.57
N ILE E 63 -8.12 34.69 -7.85
CA ILE E 63 -7.36 35.63 -7.01
C ILE E 63 -6.73 36.62 -7.94
N ARG E 64 -6.95 37.92 -7.69
CA ARG E 64 -6.39 38.96 -8.53
C ARG E 64 -4.88 38.94 -8.37
N LYS E 65 -4.19 38.56 -9.44
CA LYS E 65 -2.77 38.24 -9.33
C LYS E 65 -1.89 39.48 -9.25
N LEU E 66 -2.39 40.65 -9.59
CA LEU E 66 -1.55 41.83 -9.42
C LEU E 66 -1.48 42.31 -7.96
N PRO E 67 -2.57 42.43 -7.20
CA PRO E 67 -2.36 42.71 -5.77
C PRO E 67 -1.72 41.55 -5.04
N PHE E 68 -2.03 40.32 -5.45
CA PHE E 68 -1.33 39.16 -4.92
C PHE E 68 0.17 39.24 -5.18
N GLN E 69 0.53 39.66 -6.38
CA GLN E 69 1.93 39.72 -6.75
C GLN E 69 2.64 40.83 -6.00
N ARG E 70 1.95 41.95 -5.79
CA ARG E 70 2.51 43.00 -4.96
C ARG E 70 2.67 42.57 -3.52
N LEU E 71 1.74 41.75 -3.02
CA LEU E 71 1.87 41.18 -1.68
C LEU E 71 3.08 40.27 -1.57
N VAL E 72 3.27 39.41 -2.57
CA VAL E 72 4.40 38.48 -2.56
C VAL E 72 5.71 39.24 -2.65
N ARG E 73 5.76 40.28 -3.48
CA ARG E 73 6.97 41.10 -3.58
C ARG E 73 7.26 41.82 -2.27
N GLU E 74 6.21 42.28 -1.57
CA GLU E 74 6.43 42.93 -0.29
C GLU E 74 6.95 41.97 0.76
N ILE E 75 6.31 40.81 0.89
CA ILE E 75 6.70 39.88 1.94
C ILE E 75 7.99 39.16 1.63
N ALA E 76 8.41 39.15 0.37
CA ALA E 76 9.72 38.66 0.04
C ALA E 76 10.78 39.73 0.19
N GLN E 77 10.38 41.00 0.08
CA GLN E 77 11.33 42.11 0.17
C GLN E 77 11.96 42.20 1.55
N ASP E 78 11.23 41.77 2.58
CA ASP E 78 11.75 41.86 3.93
C ASP E 78 12.78 40.78 4.21
N PHE E 79 12.68 39.63 3.55
CA PHE E 79 13.70 38.61 3.70
C PHE E 79 14.98 39.00 3.00
N LYS E 80 14.86 39.71 1.89
CA LYS E 80 16.01 40.18 1.12
C LYS E 80 15.52 41.28 0.19
N THR E 81 16.25 42.38 0.16
CA THR E 81 15.92 43.42 -0.79
C THR E 81 16.35 43.01 -2.19
N ASP E 82 15.66 43.55 -3.19
CA ASP E 82 15.95 43.41 -4.62
C ASP E 82 15.95 41.93 -5.03
N LEU E 83 14.76 41.36 -4.98
CA LEU E 83 14.54 39.98 -5.42
C LEU E 83 13.72 40.01 -6.70
N ARG E 84 14.41 39.85 -7.82
CA ARG E 84 13.70 39.67 -9.08
C ARG E 84 13.01 38.30 -9.07
N PHE E 85 11.87 38.24 -9.72
CA PHE E 85 11.11 37.01 -9.79
C PHE E 85 11.07 36.49 -11.22
N GLN E 86 10.43 35.35 -11.38
CA GLN E 86 9.83 34.94 -12.63
C GLN E 86 8.33 35.02 -12.45
N SER E 87 7.64 35.53 -13.47
CA SER E 87 6.19 35.61 -13.39
C SER E 87 5.57 34.24 -13.33
N SER E 88 6.22 33.25 -13.96
CA SER E 88 5.84 31.86 -13.80
C SER E 88 5.96 31.43 -12.34
N ALA E 89 7.00 31.88 -11.65
CA ALA E 89 7.17 31.50 -10.25
C ALA E 89 6.09 32.11 -9.38
N VAL E 90 5.68 33.33 -9.69
CA VAL E 90 4.64 33.97 -8.90
C VAL E 90 3.28 33.35 -9.19
N MET E 91 3.05 32.93 -10.43
CA MET E 91 1.84 32.17 -10.73
C MET E 91 1.84 30.83 -10.02
N ALA E 92 3.02 30.21 -9.87
CA ALA E 92 3.12 28.98 -9.11
C ALA E 92 2.79 29.21 -7.65
N LEU E 93 3.26 30.33 -7.10
CA LEU E 93 2.91 30.71 -5.74
C LEU E 93 1.42 30.91 -5.58
N GLN E 94 0.79 31.51 -6.59
CA GLN E 94 -0.63 31.74 -6.54
C GLN E 94 -1.40 30.44 -6.55
N GLU E 95 -0.98 29.50 -7.39
CA GLU E 95 -1.60 28.18 -7.43
C GLU E 95 -1.42 27.45 -6.11
N ALA E 96 -0.22 27.52 -5.54
CA ALA E 96 0.07 26.81 -4.30
C ALA E 96 -0.74 27.38 -3.14
N SER E 97 -0.78 28.69 -3.04
CA SER E 97 -1.51 29.33 -1.96
C SER E 97 -3.00 29.13 -2.13
N GLU E 98 -3.46 29.13 -3.38
CA GLU E 98 -4.85 28.85 -3.71
C GLU E 98 -5.27 27.49 -3.20
N ALA E 99 -4.53 26.45 -3.59
CA ALA E 99 -4.90 25.10 -3.19
C ALA E 99 -4.70 24.88 -1.70
N TYR E 100 -3.71 25.54 -1.11
CA TYR E 100 -3.49 25.44 0.33
C TYR E 100 -4.67 25.99 1.11
N LEU E 101 -5.10 27.20 0.77
CA LEU E 101 -6.23 27.78 1.47
C LEU E 101 -7.53 27.06 1.17
N VAL E 102 -7.64 26.44 0.00
CA VAL E 102 -8.86 25.71 -0.29
C VAL E 102 -8.92 24.41 0.52
N ALA E 103 -7.79 23.73 0.68
CA ALA E 103 -7.77 22.53 1.51
C ALA E 103 -8.04 22.89 2.97
N LEU E 104 -7.48 24.01 3.41
CA LEU E 104 -7.78 24.52 4.74
C LEU E 104 -9.25 24.85 4.90
N PHE E 105 -9.85 25.44 3.87
CA PHE E 105 -11.27 25.76 3.91
C PHE E 105 -12.14 24.53 3.97
N GLU E 106 -11.75 23.48 3.24
CA GLU E 106 -12.57 22.26 3.23
C GLU E 106 -12.54 21.58 4.59
N ASP E 107 -11.36 21.46 5.17
CA ASP E 107 -11.30 20.85 6.50
C ASP E 107 -11.93 21.75 7.55
N THR E 108 -11.86 23.05 7.36
CA THR E 108 -12.50 23.99 8.27
C THR E 108 -14.02 23.90 8.16
N ASN E 109 -14.51 23.65 6.96
CA ASN E 109 -15.92 23.43 6.76
C ASN E 109 -16.36 22.16 7.45
N LEU E 110 -15.50 21.13 7.41
CA LEU E 110 -15.79 19.91 8.16
C LEU E 110 -15.81 20.18 9.66
N CYS E 111 -14.95 21.09 10.13
CA CYS E 111 -14.97 21.50 11.53
C CYS E 111 -16.30 22.13 11.90
N ALA E 112 -16.78 23.04 11.06
CA ALA E 112 -18.02 23.74 11.38
C ALA E 112 -19.22 22.82 11.29
N ILE E 113 -19.23 21.90 10.32
CA ILE E 113 -20.29 20.91 10.22
C ILE E 113 -20.29 20.01 11.43
N HIS E 114 -19.11 19.63 11.89
CA HIS E 114 -19.03 18.78 13.07
C HIS E 114 -19.41 19.54 14.33
N ALA E 115 -19.26 20.85 14.33
CA ALA E 115 -19.77 21.68 15.41
C ALA E 115 -21.26 21.96 15.27
N LYS E 116 -21.92 21.36 14.27
CA LYS E 116 -23.32 21.57 13.94
C LYS E 116 -23.60 23.04 13.68
N ARG E 117 -22.67 23.71 13.01
CA ARG E 117 -22.79 25.10 12.68
C ARG E 117 -22.67 25.27 11.18
N VAL E 118 -23.64 25.97 10.60
CA VAL E 118 -23.64 26.17 9.17
C VAL E 118 -22.56 27.17 8.78
N THR E 119 -22.29 28.14 9.64
CA THR E 119 -21.40 29.24 9.35
C THR E 119 -20.03 28.95 9.97
N ILE E 120 -18.97 29.36 9.30
CA ILE E 120 -17.62 29.14 9.75
C ILE E 120 -17.11 30.35 10.52
N MET E 121 -16.65 30.13 11.74
CA MET E 121 -15.99 31.06 12.64
C MET E 121 -14.50 30.71 12.73
N PRO E 122 -13.61 31.67 12.98
CA PRO E 122 -12.16 31.38 12.85
C PRO E 122 -11.61 30.46 13.92
N LYS E 123 -12.38 30.17 14.96
CA LYS E 123 -11.99 29.09 15.86
C LYS E 123 -11.99 27.74 15.16
N ASP E 124 -12.85 27.57 14.14
CA ASP E 124 -12.76 26.39 13.28
C ASP E 124 -11.42 26.34 12.56
N ILE E 125 -10.94 27.48 12.10
CA ILE E 125 -9.65 27.54 11.40
C ILE E 125 -8.53 27.17 12.35
N GLN E 126 -8.57 27.72 13.55
CA GLN E 126 -7.55 27.41 14.55
C GLN E 126 -7.58 25.95 14.95
N LEU E 127 -8.79 25.39 15.03
CA LEU E 127 -8.95 23.97 15.28
C LEU E 127 -8.32 23.13 14.18
N ALA E 128 -8.58 23.49 12.93
CA ALA E 128 -8.09 22.69 11.82
C ALA E 128 -6.58 22.78 11.69
N ARG E 129 -6.02 23.96 11.94
CA ARG E 129 -4.58 24.09 11.90
C ARG E 129 -3.93 23.39 13.08
N ARG E 130 -4.64 23.28 14.20
CA ARG E 130 -4.10 22.53 15.33
C ARG E 130 -4.11 21.04 15.05
N ILE E 131 -5.19 20.53 14.46
CA ILE E 131 -5.28 19.10 14.20
C ILE E 131 -4.32 18.68 13.10
N ARG E 132 -4.23 19.49 12.05
CA ARG E 132 -3.24 19.22 11.01
C ARG E 132 -1.82 19.41 11.54
N GLY E 133 -1.65 20.19 12.60
CA GLY E 133 -0.35 20.29 13.21
C GLY E 133 0.56 21.25 12.51
N GLU E 134 0.00 22.35 12.00
CA GLU E 134 0.86 23.39 11.44
C GLU E 134 1.62 24.11 12.53
N ARG E 135 0.95 24.42 13.63
CA ARG E 135 1.47 25.34 14.63
C ARG E 135 0.66 25.24 15.92
N VAL F 22 9.79 49.54 -1.19
CA VAL F 22 9.05 49.25 0.03
C VAL F 22 7.56 49.33 -0.32
N LEU F 23 6.73 48.58 0.40
CA LEU F 23 5.31 48.49 0.11
C LEU F 23 4.53 48.48 1.42
N ARG F 24 3.21 48.50 1.30
CA ARG F 24 2.29 48.55 2.43
C ARG F 24 0.93 48.08 1.98
N ASP F 25 0.08 47.76 2.97
CA ASP F 25 -1.37 47.53 2.83
C ASP F 25 -1.70 46.29 2.00
N ASN F 26 -0.68 45.53 1.59
CA ASN F 26 -0.90 44.50 0.58
C ASN F 26 -1.48 43.23 1.15
N ILE F 27 -1.43 43.03 2.46
CA ILE F 27 -2.13 41.89 3.01
C ILE F 27 -3.62 42.12 2.91
N GLN F 28 -4.06 43.38 3.02
CA GLN F 28 -5.43 43.72 2.69
C GLN F 28 -5.65 43.78 1.19
N GLY F 29 -4.59 43.72 0.39
CA GLY F 29 -4.73 43.49 -1.03
C GLY F 29 -5.33 42.14 -1.36
N ILE F 30 -5.23 41.17 -0.45
CA ILE F 30 -6.08 39.99 -0.53
C ILE F 30 -7.47 40.42 -0.12
N THR F 31 -8.40 40.38 -1.05
CA THR F 31 -9.64 41.11 -0.85
C THR F 31 -10.72 40.24 -0.25
N LYS F 32 -11.72 40.93 0.29
CA LYS F 32 -12.94 40.28 0.77
C LYS F 32 -13.66 39.46 -0.30
N PRO F 33 -13.78 39.86 -1.58
CA PRO F 33 -14.31 38.89 -2.56
C PRO F 33 -13.37 37.74 -2.84
N ALA F 34 -12.06 37.96 -2.79
CA ALA F 34 -11.11 36.90 -3.16
C ALA F 34 -11.15 35.76 -2.14
N ILE F 35 -11.14 36.11 -0.86
CA ILE F 35 -11.31 35.13 0.18
C ILE F 35 -12.68 34.48 0.08
N ARG F 36 -13.67 35.28 -0.32
CA ARG F 36 -15.01 34.74 -0.55
C ARG F 36 -15.02 33.77 -1.72
N ARG F 37 -14.27 34.07 -2.78
CA ARG F 37 -14.25 33.17 -3.93
C ARG F 37 -13.54 31.86 -3.59
N LEU F 38 -12.46 31.94 -2.81
CA LEU F 38 -11.79 30.73 -2.36
C LEU F 38 -12.67 29.92 -1.43
N ALA F 39 -13.44 30.62 -0.60
CA ALA F 39 -14.37 29.94 0.30
C ALA F 39 -15.47 29.25 -0.47
N ARG F 40 -16.03 29.93 -1.48
CA ARG F 40 -17.05 29.31 -2.30
C ARG F 40 -16.47 28.19 -3.17
N ARG F 41 -15.15 28.19 -3.41
CA ARG F 41 -14.61 27.00 -4.04
C ARG F 41 -14.50 25.86 -3.04
N GLY F 42 -14.09 26.15 -1.81
CA GLY F 42 -13.91 25.10 -0.82
C GLY F 42 -15.19 24.49 -0.30
N GLY F 43 -16.34 25.04 -0.64
CA GLY F 43 -17.59 24.53 -0.13
C GLY F 43 -18.10 25.25 1.08
N VAL F 44 -17.66 26.48 1.31
CA VAL F 44 -18.12 27.25 2.45
C VAL F 44 -19.47 27.86 2.11
N LYS F 45 -20.48 27.58 2.93
CA LYS F 45 -21.78 28.20 2.73
C LYS F 45 -21.74 29.65 3.18
N ARG F 46 -21.51 29.87 4.46
CA ARG F 46 -21.59 31.21 5.03
C ARG F 46 -20.31 31.51 5.80
N ILE F 47 -19.82 32.72 5.62
CA ILE F 47 -18.55 33.17 6.15
C ILE F 47 -18.83 34.06 7.34
N SER F 48 -17.92 34.10 8.31
CA SER F 48 -17.99 35.11 9.35
C SER F 48 -17.03 36.25 9.03
N GLY F 49 -17.10 37.29 9.85
CA GLY F 49 -16.34 38.49 9.57
C GLY F 49 -14.85 38.33 9.87
N LEU F 50 -14.52 37.65 10.96
CA LEU F 50 -13.13 37.48 11.35
C LEU F 50 -12.39 36.46 10.51
N ILE F 51 -13.13 35.73 9.66
CA ILE F 51 -12.55 34.77 8.74
C ILE F 51 -11.55 35.45 7.82
N TYR F 52 -11.85 36.68 7.41
CA TYR F 52 -11.00 37.39 6.46
C TYR F 52 -9.63 37.69 7.04
N GLU F 53 -9.60 38.29 8.23
CA GLU F 53 -8.33 38.62 8.84
C GLU F 53 -7.59 37.38 9.30
N GLU F 54 -8.32 36.37 9.76
CA GLU F 54 -7.68 35.12 10.15
C GLU F 54 -7.04 34.43 8.97
N THR F 55 -7.74 34.41 7.83
CA THR F 55 -7.22 33.76 6.64
C THR F 55 -6.04 34.54 6.08
N ARG F 56 -6.08 35.87 6.17
CA ARG F 56 -4.93 36.68 5.79
C ARG F 56 -3.72 36.37 6.63
N GLY F 57 -3.91 36.22 7.95
CA GLY F 57 -2.80 35.88 8.81
C GLY F 57 -2.23 34.51 8.51
N VAL F 58 -3.11 33.52 8.27
CA VAL F 58 -2.67 32.16 8.00
C VAL F 58 -1.93 32.09 6.67
N LEU F 59 -2.47 32.79 5.67
CA LEU F 59 -1.80 32.90 4.39
C LEU F 59 -0.45 33.57 4.52
N LYS F 60 -0.36 34.59 5.36
CA LYS F 60 0.89 35.30 5.55
C LYS F 60 1.95 34.40 6.18
N VAL F 61 1.54 33.59 7.17
CA VAL F 61 2.48 32.68 7.82
C VAL F 61 2.95 31.61 6.85
N PHE F 62 2.00 31.03 6.09
CA PHE F 62 2.32 30.01 5.10
C PHE F 62 3.25 30.55 4.03
N LEU F 63 3.00 31.77 3.56
CA LEU F 63 3.81 32.37 2.53
C LEU F 63 5.19 32.72 3.04
N GLU F 64 5.30 33.17 4.29
CA GLU F 64 6.61 33.44 4.85
C GLU F 64 7.44 32.17 4.95
N ASN F 65 6.80 31.07 5.38
CA ASN F 65 7.48 29.79 5.51
C ASN F 65 7.96 29.28 4.15
N VAL F 66 7.17 29.47 3.10
CA VAL F 66 7.60 28.97 1.80
C VAL F 66 8.62 29.91 1.17
N ILE F 67 8.33 31.21 1.18
CA ILE F 67 9.13 32.19 0.46
C ILE F 67 10.50 32.35 1.08
N ARG F 68 10.62 32.24 2.41
CA ARG F 68 11.94 32.27 3.03
C ARG F 68 12.80 31.13 2.54
N ASP F 69 12.20 29.96 2.35
CA ASP F 69 12.93 28.83 1.81
C ASP F 69 13.30 29.06 0.36
N ALA F 70 12.40 29.63 -0.43
CA ALA F 70 12.67 29.85 -1.84
C ALA F 70 13.76 30.89 -2.04
N VAL F 71 13.75 31.94 -1.22
CA VAL F 71 14.82 32.92 -1.24
C VAL F 71 16.13 32.29 -0.82
N THR F 72 16.06 31.33 0.11
CA THR F 72 17.26 30.60 0.50
C THR F 72 17.82 29.81 -0.67
N TYR F 73 16.95 29.21 -1.48
CA TYR F 73 17.41 28.52 -2.68
C TYR F 73 18.05 29.49 -3.67
N THR F 74 17.40 30.63 -3.90
CA THR F 74 17.87 31.57 -4.92
C THR F 74 19.20 32.19 -4.53
N GLU F 75 19.33 32.54 -3.25
CA GLU F 75 20.59 33.05 -2.75
C GLU F 75 21.66 31.97 -2.72
N HIS F 76 21.26 30.72 -2.52
CA HIS F 76 22.24 29.65 -2.51
C HIS F 76 22.74 29.34 -3.91
N ALA F 77 21.92 29.60 -4.91
CA ALA F 77 22.39 29.52 -6.28
C ALA F 77 23.25 30.72 -6.67
N LYS F 78 23.45 31.68 -5.75
CA LYS F 78 24.16 32.94 -5.98
C LYS F 78 23.52 33.71 -7.12
N ARG F 79 22.20 33.64 -7.20
CA ARG F 79 21.43 34.37 -8.20
C ARG F 79 20.48 35.32 -7.50
N LYS F 80 20.02 36.30 -8.26
CA LYS F 80 19.15 37.34 -7.74
C LYS F 80 17.71 37.18 -8.20
N THR F 81 17.44 36.19 -9.03
CA THR F 81 16.16 36.05 -9.71
C THR F 81 15.49 34.77 -9.26
N VAL F 82 14.26 34.88 -8.81
CA VAL F 82 13.53 33.73 -8.26
C VAL F 82 12.96 32.92 -9.41
N THR F 83 13.38 31.67 -9.51
CA THR F 83 12.84 30.76 -10.50
C THR F 83 11.58 30.08 -9.97
N ALA F 84 10.87 29.42 -10.89
CA ALA F 84 9.78 28.56 -10.46
C ALA F 84 10.30 27.36 -9.70
N MET F 85 11.49 26.88 -10.06
CA MET F 85 12.01 25.64 -9.49
C MET F 85 12.32 25.79 -8.01
N ASP F 86 12.70 26.99 -7.58
CA ASP F 86 12.98 27.22 -6.17
C ASP F 86 11.70 27.13 -5.35
N VAL F 87 10.61 27.66 -5.90
CA VAL F 87 9.30 27.51 -5.30
C VAL F 87 8.90 26.04 -5.27
N VAL F 88 9.24 25.31 -6.33
CA VAL F 88 8.95 23.89 -6.39
C VAL F 88 9.70 23.14 -5.30
N TYR F 89 10.94 23.54 -5.05
CA TYR F 89 11.74 22.85 -4.06
C TYR F 89 11.26 23.17 -2.66
N ALA F 90 10.83 24.42 -2.44
CA ALA F 90 10.30 24.78 -1.13
C ALA F 90 8.98 24.06 -0.86
N LEU F 91 8.14 23.92 -1.88
CA LEU F 91 6.93 23.14 -1.71
C LEU F 91 7.21 21.67 -1.56
N LYS F 92 8.35 21.20 -2.08
CA LYS F 92 8.76 19.84 -1.80
C LYS F 92 9.17 19.69 -0.35
N ARG F 93 9.76 20.74 0.22
CA ARG F 93 10.00 20.72 1.67
C ARG F 93 8.71 20.75 2.45
N GLN F 94 7.69 21.42 1.93
CA GLN F 94 6.41 21.46 2.62
C GLN F 94 5.60 20.18 2.48
N GLY F 95 6.12 19.16 1.80
CA GLY F 95 5.33 17.97 1.52
C GLY F 95 4.15 18.25 0.61
N ARG F 96 4.30 19.18 -0.33
CA ARG F 96 3.19 19.62 -1.16
C ARG F 96 3.45 19.39 -2.64
N THR F 97 4.61 19.83 -3.15
CA THR F 97 5.17 19.40 -4.43
C THR F 97 4.25 19.77 -5.61
N LEU F 98 4.15 21.08 -5.83
CA LEU F 98 3.32 21.58 -6.92
C LEU F 98 3.96 21.28 -8.26
N TYR F 99 3.18 20.80 -9.21
CA TYR F 99 3.67 20.44 -10.52
C TYR F 99 3.55 21.61 -11.48
N GLY F 100 3.69 21.35 -12.77
CA GLY F 100 3.62 22.37 -13.78
C GLY F 100 4.92 23.07 -14.05
N PHE F 101 5.91 22.94 -13.19
CA PHE F 101 7.13 23.72 -13.30
C PHE F 101 8.29 22.78 -13.00
N GLY F 102 8.81 22.15 -14.03
CA GLY F 102 9.93 21.25 -13.89
C GLY F 102 9.59 19.95 -13.19
N LYS G 14 50.84 9.99 16.39
CA LYS G 14 50.49 11.41 16.36
C LYS G 14 48.99 11.61 16.49
N ALA G 15 48.53 11.82 17.72
CA ALA G 15 47.11 12.10 17.96
C ALA G 15 46.79 13.50 17.44
N LYS G 16 45.80 13.59 16.55
CA LYS G 16 45.47 14.85 15.88
C LYS G 16 44.09 15.37 16.25
N THR G 17 43.05 14.55 16.10
CA THR G 17 41.68 14.82 16.56
C THR G 17 41.13 16.11 15.93
N ARG G 18 40.86 16.01 14.62
CA ARG G 18 40.52 17.17 13.80
C ARG G 18 39.28 17.92 14.27
N SER G 19 38.40 17.29 15.05
CA SER G 19 37.30 18.03 15.66
C SER G 19 37.83 19.05 16.66
N SER G 20 38.77 18.64 17.51
CA SER G 20 39.43 19.59 18.40
C SER G 20 40.34 20.54 17.65
N ARG G 21 40.84 20.14 16.48
CA ARG G 21 41.55 21.07 15.62
C ARG G 21 40.59 22.09 15.01
N ALA G 22 39.31 21.77 14.94
CA ALA G 22 38.26 22.74 14.70
C ALA G 22 37.59 23.19 16.00
N GLY G 23 38.05 22.67 17.14
CA GLY G 23 37.53 23.06 18.43
C GLY G 23 36.23 22.38 18.83
N LEU G 24 36.03 21.13 18.42
CA LEU G 24 34.72 20.53 18.53
C LEU G 24 34.75 19.18 19.24
N GLN G 25 33.61 18.49 19.26
CA GLN G 25 33.51 17.19 19.90
C GLN G 25 32.95 16.11 18.99
N PHE G 26 32.44 16.46 17.82
CA PHE G 26 31.90 15.38 17.01
C PHE G 26 32.84 15.05 15.85
N PRO G 27 32.97 13.76 15.52
CA PRO G 27 34.16 13.31 14.77
C PRO G 27 34.16 13.77 13.32
N VAL G 28 35.34 14.23 12.88
CA VAL G 28 35.49 14.64 11.49
C VAL G 28 35.56 13.43 10.57
N GLY G 29 36.37 12.45 10.95
CA GLY G 29 36.58 11.29 10.08
C GLY G 29 35.38 10.39 9.97
N ARG G 30 34.61 10.23 11.05
CA ARG G 30 33.44 9.36 10.99
C ARG G 30 32.32 9.99 10.18
N VAL G 31 32.09 11.30 10.36
CA VAL G 31 31.09 12.00 9.57
C VAL G 31 31.52 12.06 8.11
N HIS G 32 32.83 12.23 7.86
CA HIS G 32 33.34 12.18 6.50
C HIS G 32 33.19 10.78 5.91
N ARG G 33 33.31 9.74 6.74
CA ARG G 33 33.07 8.38 6.28
C ARG G 33 31.62 8.19 5.86
N LEU G 34 30.69 8.70 6.67
CA LEU G 34 29.28 8.55 6.34
C LEU G 34 28.89 9.40 5.13
N LEU G 35 29.58 10.53 4.93
CA LEU G 35 29.31 11.33 3.74
C LEU G 35 29.84 10.64 2.49
N ARG G 36 31.02 10.02 2.57
CA ARG G 36 31.53 9.28 1.43
C ARG G 36 30.70 8.03 1.17
N LYS G 37 30.17 7.42 2.22
CA LYS G 37 29.31 6.26 2.05
C LYS G 37 27.91 6.68 1.61
N GLY G 38 27.47 7.86 2.01
CA GLY G 38 26.07 8.22 1.86
C GLY G 38 25.65 8.57 0.46
N ASN G 39 26.58 8.64 -0.50
CA ASN G 39 26.32 8.96 -1.90
C ASN G 39 25.64 10.32 -2.06
N TYR G 40 25.96 11.25 -1.17
CA TYR G 40 25.29 12.53 -1.16
C TYR G 40 25.78 13.45 -2.27
N ALA G 41 26.99 13.23 -2.75
CA ALA G 41 27.52 13.95 -3.90
C ALA G 41 28.59 13.09 -4.52
N GLU G 42 29.26 13.64 -5.54
CA GLU G 42 30.51 13.04 -5.99
C GLU G 42 31.57 13.22 -4.92
N ARG G 43 31.86 14.46 -4.56
CA ARG G 43 32.94 14.76 -3.65
C ARG G 43 32.37 15.39 -2.40
N VAL G 44 33.09 15.24 -1.29
CA VAL G 44 32.75 15.87 -0.03
C VAL G 44 33.64 17.09 0.14
N GLY G 45 33.04 18.25 0.34
CA GLY G 45 33.80 19.46 0.53
C GLY G 45 34.58 19.45 1.83
N ALA G 46 35.50 20.41 1.92
CA ALA G 46 36.43 20.45 3.04
C ALA G 46 35.72 20.75 4.36
N GLY G 47 35.11 21.92 4.45
CA GLY G 47 34.45 22.29 5.69
C GLY G 47 33.07 21.71 5.89
N ALA G 48 32.63 20.81 4.99
CA ALA G 48 31.27 20.29 5.10
C ALA G 48 31.08 19.36 6.31
N PRO G 49 31.91 18.32 6.54
CA PRO G 49 31.68 17.54 7.77
C PRO G 49 32.03 18.30 9.03
N VAL G 50 32.92 19.29 8.94
CA VAL G 50 33.23 20.13 10.09
C VAL G 50 32.02 20.95 10.50
N TYR G 51 31.42 21.66 9.54
CA TYR G 51 30.24 22.45 9.80
C TYR G 51 29.08 21.56 10.24
N LEU G 52 28.98 20.37 9.64
CA LEU G 52 27.92 19.43 9.96
C LEU G 52 28.03 18.94 11.39
N ALA G 53 29.22 18.54 11.79
CA ALA G 53 29.46 18.09 13.16
C ALA G 53 29.27 19.21 14.15
N ALA G 54 29.59 20.45 13.76
CA ALA G 54 29.37 21.58 14.64
C ALA G 54 27.88 21.83 14.88
N VAL G 55 27.08 21.75 13.81
CA VAL G 55 25.65 21.96 13.96
C VAL G 55 25.02 20.84 14.77
N LEU G 56 25.49 19.59 14.55
CA LEU G 56 25.04 18.46 15.34
C LEU G 56 25.36 18.62 16.82
N GLU G 57 26.59 19.08 17.10
CA GLU G 57 27.02 19.28 18.48
C GLU G 57 26.21 20.38 19.16
N TYR G 58 25.90 21.45 18.42
CA TYR G 58 25.10 22.53 19.00
C TYR G 58 23.66 22.07 19.28
N LEU G 59 23.08 21.33 18.35
CA LEU G 59 21.71 20.85 18.57
C LEU G 59 21.64 19.86 19.71
N THR G 60 22.63 18.98 19.80
CA THR G 60 22.65 17.99 20.87
C THR G 60 22.88 18.65 22.21
N ALA G 61 23.68 19.71 22.24
CA ALA G 61 23.89 20.49 23.44
C ALA G 61 22.60 21.17 23.89
N GLU G 62 21.83 21.68 22.92
CA GLU G 62 20.53 22.26 23.23
C GLU G 62 19.60 21.22 23.85
N ILE G 63 19.60 20.00 23.29
CA ILE G 63 18.73 18.94 23.80
C ILE G 63 19.12 18.55 25.22
N LEU G 64 20.41 18.38 25.47
CA LEU G 64 20.83 17.96 26.80
C LEU G 64 20.69 19.06 27.82
N GLU G 65 20.81 20.32 27.38
CA GLU G 65 20.53 21.44 28.27
C GLU G 65 19.07 21.46 28.67
N LEU G 66 18.18 21.11 27.75
CA LEU G 66 16.79 20.99 28.12
C LEU G 66 16.49 19.75 28.94
N ALA G 67 17.30 18.70 28.81
CA ALA G 67 17.08 17.48 29.59
C ALA G 67 17.51 17.66 31.04
N GLY G 68 18.61 18.37 31.26
CA GLY G 68 19.10 18.58 32.61
C GLY G 68 18.16 19.41 33.46
N ASN G 69 17.34 20.24 32.83
CA ASN G 69 16.35 21.03 33.56
C ASN G 69 15.29 20.14 34.17
N ALA G 70 14.81 19.15 33.40
CA ALA G 70 13.87 18.18 33.97
C ALA G 70 14.54 17.29 35.00
N ALA G 71 15.83 17.02 34.80
CA ALA G 71 16.60 16.30 35.82
C ALA G 71 16.63 17.07 37.14
N ARG G 72 16.76 18.39 37.06
CA ARG G 72 16.63 19.23 38.24
C ARG G 72 15.21 19.18 38.80
N ASP G 73 14.23 19.13 37.90
CA ASP G 73 12.82 19.18 38.29
C ASP G 73 12.41 17.95 39.09
N ASN G 74 13.03 16.80 38.81
CA ASN G 74 12.52 15.56 39.36
C ASN G 74 13.48 14.89 40.33
N LYS G 75 14.54 15.60 40.74
CA LYS G 75 15.57 15.13 41.67
C LYS G 75 16.18 13.81 41.15
N LYS G 76 16.69 13.89 39.93
CA LYS G 76 17.27 12.73 39.28
C LYS G 76 18.65 13.10 38.76
N THR G 77 19.65 12.30 39.10
CA THR G 77 20.98 12.46 38.57
C THR G 77 21.22 11.60 37.34
N ARG G 78 20.17 11.29 36.59
CA ARG G 78 20.30 10.38 35.47
C ARG G 78 19.17 10.66 34.50
N ILE G 79 19.51 11.08 33.27
CA ILE G 79 18.50 11.56 32.33
C ILE G 79 17.71 10.39 31.77
N ILE G 80 16.38 10.51 31.81
CA ILE G 80 15.47 9.43 31.46
C ILE G 80 14.66 9.82 30.22
N PRO G 81 13.98 8.86 29.56
CA PRO G 81 13.07 9.23 28.47
C PRO G 81 11.98 10.21 28.86
N ARG G 82 11.53 10.23 30.11
CA ARG G 82 10.58 11.25 30.53
C ARG G 82 11.22 12.64 30.47
N HIS G 83 12.48 12.73 30.88
CA HIS G 83 13.22 13.98 30.75
C HIS G 83 13.33 14.40 29.30
N LEU G 84 13.61 13.43 28.42
CA LEU G 84 13.74 13.76 27.00
C LEU G 84 12.41 14.20 26.40
N GLN G 85 11.33 13.55 26.82
CA GLN G 85 10.00 13.86 26.31
C GLN G 85 9.57 15.26 26.71
N LEU G 86 9.71 15.58 28.00
CA LEU G 86 9.34 16.91 28.48
C LEU G 86 10.25 17.98 27.89
N ALA G 87 11.52 17.63 27.64
CA ALA G 87 12.45 18.57 27.04
C ALA G 87 12.06 18.92 25.61
N VAL G 88 11.70 17.91 24.82
CA VAL G 88 11.34 18.17 23.43
C VAL G 88 10.01 18.88 23.34
N ARG G 89 9.01 18.40 24.09
CA ARG G 89 7.67 18.95 23.93
C ARG G 89 7.54 20.33 24.56
N ASN G 90 8.25 20.57 25.66
CA ASN G 90 8.16 21.86 26.32
C ASN G 90 8.96 22.95 25.62
N ASP G 91 9.78 22.59 24.64
CA ASP G 91 10.38 23.60 23.78
C ASP G 91 9.32 24.17 22.84
N GLU G 92 9.60 25.35 22.29
CA GLU G 92 8.79 25.91 21.21
C GLU G 92 9.28 25.46 19.85
N GLU G 93 10.52 25.79 19.51
CA GLU G 93 11.00 25.58 18.15
C GLU G 93 11.36 24.12 17.88
N LEU G 94 11.90 23.43 18.89
CA LEU G 94 12.22 22.01 18.68
C LEU G 94 10.96 21.17 18.65
N ASN G 95 9.90 21.66 19.28
CA ASN G 95 8.60 21.01 19.14
C ASN G 95 8.12 21.12 17.71
N LYS G 96 8.33 22.29 17.09
CA LYS G 96 7.97 22.49 15.69
C LYS G 96 8.85 21.65 14.79
N LEU G 97 10.12 21.49 15.15
CA LEU G 97 11.02 20.65 14.36
C LEU G 97 10.63 19.19 14.46
N LEU G 98 10.22 18.76 15.63
CA LEU G 98 10.07 17.34 15.93
C LEU G 98 8.62 16.98 16.22
N GLY G 99 7.69 17.70 15.61
CA GLY G 99 6.28 17.35 15.76
C GLY G 99 5.93 16.05 15.06
N ARG G 100 6.59 15.75 13.95
CA ARG G 100 6.45 14.48 13.27
C ARG G 100 7.42 13.43 13.81
N VAL G 101 7.86 13.60 15.05
CA VAL G 101 8.89 12.77 15.65
C VAL G 101 8.36 12.29 16.99
N THR G 102 8.53 11.00 17.26
CA THR G 102 7.96 10.36 18.45
C THR G 102 9.07 9.74 19.29
N ILE G 103 8.96 9.87 20.61
CA ILE G 103 9.92 9.30 21.54
C ILE G 103 9.21 8.24 22.37
N ALA G 104 9.79 7.04 22.40
CA ALA G 104 9.24 5.96 23.19
C ALA G 104 9.51 6.19 24.67
N GLN G 105 8.81 5.41 25.51
CA GLN G 105 9.03 5.21 26.94
C GLN G 105 8.77 6.42 27.82
N GLY G 106 8.41 7.57 27.26
CA GLY G 106 8.37 8.77 28.07
C GLY G 106 6.99 9.18 28.49
N GLY G 107 6.05 9.13 27.57
CA GLY G 107 4.71 9.61 27.85
C GLY G 107 4.41 10.90 27.12
N VAL G 108 3.62 11.76 27.73
CA VAL G 108 3.20 13.02 27.13
C VAL G 108 3.50 14.16 28.08
N LEU G 109 3.10 15.36 27.68
CA LEU G 109 3.06 16.45 28.62
C LEU G 109 1.94 16.22 29.63
N PRO G 110 2.15 16.57 30.88
CA PRO G 110 1.02 16.65 31.79
C PRO G 110 0.14 17.81 31.38
N ASN G 111 -1.02 17.50 30.82
CA ASN G 111 -1.86 18.51 30.17
C ASN G 111 -3.31 18.21 30.49
N ILE G 112 -3.96 19.16 31.16
CA ILE G 112 -5.39 19.08 31.48
C ILE G 112 -6.07 20.20 30.71
N GLN G 113 -7.20 19.88 30.08
CA GLN G 113 -7.90 20.88 29.29
C GLN G 113 -8.70 21.81 30.19
N SER G 114 -9.39 22.76 29.55
CA SER G 114 -10.01 23.86 30.29
C SER G 114 -11.31 23.44 30.96
N VAL G 115 -12.23 22.87 30.19
CA VAL G 115 -13.60 22.71 30.64
C VAL G 115 -13.84 21.32 31.25
N LEU G 116 -12.78 20.62 31.63
CA LEU G 116 -12.98 19.34 32.29
C LEU G 116 -12.95 19.48 33.81
N LEU G 117 -12.28 20.52 34.31
CA LEU G 117 -12.19 20.81 35.73
C LEU G 117 -13.51 21.36 36.24
N PRO G 118 -14.20 20.67 37.18
CA PRO G 118 -15.47 21.16 37.70
C PRO G 118 -15.28 22.32 38.68
N LYS H 29 31.77 -8.95 20.20
CA LYS H 29 32.59 -9.47 19.11
C LYS H 29 32.34 -8.70 17.82
N THR H 30 31.21 -8.01 17.76
CA THR H 30 30.80 -7.25 16.59
C THR H 30 30.83 -5.76 16.89
N ARG H 31 30.45 -4.96 15.91
CA ARG H 31 30.49 -3.51 16.02
C ARG H 31 29.13 -2.93 15.66
N LYS H 32 28.48 -2.30 16.63
CA LYS H 32 27.31 -1.46 16.40
C LYS H 32 27.70 -0.06 16.85
N GLU H 33 28.14 0.75 15.88
CA GLU H 33 28.83 2.01 16.17
C GLU H 33 27.81 3.05 16.62
N SER H 34 27.55 3.09 17.92
CA SER H 34 26.72 4.12 18.51
C SER H 34 27.54 5.38 18.72
N TYR H 35 26.88 6.44 19.16
CA TYR H 35 27.55 7.71 19.44
C TYR H 35 27.45 8.02 20.93
N ALA H 36 27.59 7.00 21.75
CA ALA H 36 27.26 7.14 23.17
C ALA H 36 28.29 7.96 23.92
N ILE H 37 29.57 7.80 23.59
CA ILE H 37 30.62 8.51 24.30
C ILE H 37 30.61 9.98 23.95
N TYR H 38 30.11 10.32 22.77
CA TYR H 38 29.91 11.71 22.39
C TYR H 38 28.86 12.34 23.28
N VAL H 39 27.80 11.59 23.55
CA VAL H 39 26.77 12.06 24.46
C VAL H 39 27.30 12.17 25.88
N TYR H 40 28.18 11.25 26.27
CA TYR H 40 28.87 11.33 27.56
C TYR H 40 29.66 12.63 27.69
N LYS H 41 30.48 12.93 26.68
CA LYS H 41 31.35 14.10 26.75
C LYS H 41 30.54 15.39 26.71
N VAL H 42 29.49 15.43 25.88
CA VAL H 42 28.67 16.64 25.81
C VAL H 42 27.87 16.83 27.09
N LEU H 43 27.38 15.73 27.67
CA LEU H 43 26.68 15.82 28.95
C LEU H 43 27.61 16.27 30.07
N LYS H 44 28.86 15.83 30.05
CA LYS H 44 29.80 16.33 31.04
C LYS H 44 30.26 17.75 30.72
N GLN H 45 30.02 18.23 29.50
CA GLN H 45 30.29 19.63 29.23
C GLN H 45 29.14 20.55 29.62
N VAL H 46 27.89 20.06 29.61
CA VAL H 46 26.77 20.95 29.85
C VAL H 46 26.11 20.73 31.22
N HIS H 47 26.05 19.50 31.72
CA HIS H 47 25.49 19.18 33.03
C HIS H 47 26.30 18.04 33.59
N PRO H 48 27.45 18.34 34.20
CA PRO H 48 28.42 17.29 34.51
C PRO H 48 28.01 16.38 35.64
N ASP H 49 27.06 16.78 36.46
CA ASP H 49 26.68 16.02 37.65
C ASP H 49 25.32 15.36 37.47
N THR H 50 25.07 14.85 36.27
CA THR H 50 23.91 14.02 36.02
C THR H 50 24.30 12.97 35.00
N GLY H 51 23.55 11.86 34.99
CA GLY H 51 23.82 10.73 34.14
C GLY H 51 22.78 10.53 33.08
N ILE H 52 22.74 9.33 32.54
CA ILE H 52 21.79 8.99 31.48
C ILE H 52 21.51 7.50 31.53
N SER H 53 20.26 7.14 31.27
CA SER H 53 19.92 5.74 31.07
C SER H 53 20.24 5.34 29.64
N SER H 54 20.51 4.04 29.46
CA SER H 54 20.89 3.54 28.15
C SER H 54 19.71 3.58 27.18
N LYS H 55 18.49 3.50 27.69
CA LYS H 55 17.31 3.73 26.88
C LYS H 55 17.30 5.15 26.33
N ALA H 56 17.58 6.12 27.20
CA ALA H 56 17.72 7.51 26.77
C ALA H 56 18.91 7.69 25.84
N MET H 57 19.97 6.89 26.05
CA MET H 57 21.11 6.91 25.14
C MET H 57 20.72 6.48 23.73
N SER H 58 19.91 5.43 23.63
CA SER H 58 19.45 4.99 22.32
C SER H 58 18.49 5.99 21.69
N ILE H 59 17.70 6.68 22.51
CA ILE H 59 16.83 7.74 22.02
C ILE H 59 17.66 8.86 21.38
N MET H 60 18.69 9.30 22.08
CA MET H 60 19.55 10.34 21.55
C MET H 60 20.35 9.86 20.34
N ASN H 61 20.66 8.57 20.30
CA ASN H 61 21.37 8.01 19.16
C ASN H 61 20.52 8.07 17.90
N SER H 62 19.25 7.66 18.03
CA SER H 62 18.30 7.77 16.93
C SER H 62 18.08 9.23 16.54
N PHE H 63 18.10 10.13 17.53
CA PHE H 63 17.99 11.56 17.27
C PHE H 63 19.12 12.05 16.39
N VAL H 64 20.34 11.66 16.73
CA VAL H 64 21.50 12.15 16.01
C VAL H 64 21.53 11.60 14.59
N ASN H 65 21.19 10.32 14.43
CA ASN H 65 21.13 9.78 13.07
C ASN H 65 20.00 10.40 12.26
N ASP H 66 18.89 10.77 12.91
CA ASP H 66 17.81 11.47 12.22
C ASP H 66 18.25 12.82 11.71
N VAL H 67 18.86 13.62 12.58
CA VAL H 67 19.28 14.97 12.21
C VAL H 67 20.35 14.91 11.13
N PHE H 68 21.26 13.93 11.25
CA PHE H 68 22.30 13.74 10.26
C PHE H 68 21.73 13.40 8.90
N GLU H 69 20.82 12.43 8.85
CA GLU H 69 20.29 12.01 7.55
C GLU H 69 19.39 13.06 6.93
N ARG H 70 18.66 13.83 7.75
CA ARG H 70 17.84 14.89 7.19
C ARG H 70 18.68 16.00 6.59
N ILE H 71 19.73 16.45 7.30
CA ILE H 71 20.58 17.49 6.74
C ILE H 71 21.37 16.97 5.55
N ALA H 72 21.74 15.69 5.58
CA ALA H 72 22.55 15.13 4.51
C ALA H 72 21.74 14.96 3.23
N GLY H 73 20.51 14.47 3.36
CA GLY H 73 19.64 14.39 2.20
C GLY H 73 19.23 15.75 1.68
N GLU H 74 19.08 16.72 2.59
CA GLU H 74 18.77 18.08 2.18
C GLU H 74 19.89 18.66 1.34
N ALA H 75 21.14 18.48 1.80
CA ALA H 75 22.28 18.97 1.04
C ALA H 75 22.48 18.20 -0.24
N SER H 76 22.18 16.91 -0.27
CA SER H 76 22.32 16.14 -1.50
C SER H 76 21.32 16.60 -2.54
N ARG H 77 20.09 16.89 -2.10
CA ARG H 77 19.10 17.45 -3.01
C ARG H 77 19.53 18.82 -3.50
N LEU H 78 20.15 19.62 -2.63
CA LEU H 78 20.66 20.94 -3.06
C LEU H 78 21.75 20.80 -4.11
N ALA H 79 22.64 19.83 -3.93
CA ALA H 79 23.72 19.61 -4.88
C ALA H 79 23.19 19.19 -6.23
N HIS H 80 22.15 18.35 -6.23
CA HIS H 80 21.54 18.04 -7.52
C HIS H 80 20.77 19.21 -8.09
N TYR H 81 20.17 20.04 -7.23
CA TYR H 81 19.34 21.15 -7.70
C TYR H 81 20.16 22.29 -8.24
N ASN H 82 21.45 22.37 -7.93
CA ASN H 82 22.26 23.43 -8.49
C ASN H 82 23.41 22.90 -9.33
N LYS H 83 23.22 21.69 -9.87
CA LYS H 83 24.05 21.13 -10.94
C LYS H 83 25.51 20.95 -10.54
N ARG H 84 25.78 20.77 -9.26
CA ARG H 84 27.16 20.69 -8.80
C ARG H 84 27.38 19.40 -8.02
N SER H 85 28.64 19.02 -7.90
CA SER H 85 29.01 17.67 -7.51
C SER H 85 29.73 17.58 -6.17
N THR H 86 29.89 18.69 -5.46
CA THR H 86 30.73 18.69 -4.26
C THR H 86 30.03 19.52 -3.19
N ILE H 87 29.44 18.84 -2.21
CA ILE H 87 28.73 19.52 -1.13
C ILE H 87 29.77 20.10 -0.19
N THR H 88 29.74 21.42 -0.01
CA THR H 88 30.66 22.09 0.89
C THR H 88 29.89 22.80 2.01
N SER H 89 30.62 23.62 2.75
CA SER H 89 30.11 24.22 3.98
C SER H 89 28.99 25.21 3.71
N ARG H 90 29.07 25.94 2.60
CA ARG H 90 27.98 26.84 2.22
C ARG H 90 26.70 26.06 1.93
N GLU H 91 26.86 24.87 1.36
CA GLU H 91 25.72 24.01 1.07
C GLU H 91 25.11 23.45 2.33
N ILE H 92 25.95 23.06 3.28
CA ILE H 92 25.42 22.60 4.56
C ILE H 92 24.75 23.76 5.31
N GLN H 93 25.28 24.97 5.14
CA GLN H 93 24.69 26.16 5.76
C GLN H 93 23.31 26.44 5.21
N THR H 94 23.16 26.38 3.89
CA THR H 94 21.85 26.52 3.27
C THR H 94 20.92 25.41 3.73
N ALA H 95 21.43 24.18 3.85
CA ALA H 95 20.60 23.07 4.30
C ALA H 95 20.11 23.27 5.72
N VAL H 96 20.96 23.83 6.58
CA VAL H 96 20.56 24.10 7.96
C VAL H 96 19.52 25.21 8.00
N ARG H 97 19.75 26.30 7.25
CA ARG H 97 18.81 27.41 7.21
C ARG H 97 17.47 27.01 6.62
N LEU H 98 17.47 25.99 5.77
CA LEU H 98 16.20 25.42 5.32
C LEU H 98 15.55 24.58 6.41
N LEU H 99 16.31 23.63 6.95
CA LEU H 99 15.69 22.53 7.66
C LEU H 99 15.34 22.86 9.11
N LEU H 100 16.01 23.82 9.72
CA LEU H 100 15.74 24.05 11.13
C LEU H 100 14.87 25.28 11.35
N PRO H 101 14.17 25.38 12.48
CA PRO H 101 13.52 26.65 12.84
C PRO H 101 14.54 27.76 13.06
N GLY H 102 14.11 28.98 12.75
CA GLY H 102 15.02 29.98 12.20
C GLY H 102 16.01 30.56 13.17
N GLU H 103 15.57 30.88 14.39
CA GLU H 103 16.46 31.54 15.34
C GLU H 103 17.52 30.57 15.85
N LEU H 104 17.10 29.35 16.18
CA LEU H 104 18.04 28.29 16.50
C LEU H 104 18.91 27.93 15.31
N ALA H 105 18.35 28.09 14.10
CA ALA H 105 19.14 27.87 12.89
C ALA H 105 20.26 28.89 12.77
N LYS H 106 19.96 30.17 13.05
CA LYS H 106 20.99 31.20 12.99
C LYS H 106 22.04 31.01 14.08
N HIS H 107 21.60 30.51 15.24
CA HIS H 107 22.53 30.10 16.28
C HIS H 107 23.50 29.02 15.79
N ALA H 108 22.95 27.94 15.20
CA ALA H 108 23.79 26.86 14.70
C ALA H 108 24.65 27.31 13.52
N VAL H 109 24.15 28.28 12.75
CA VAL H 109 24.93 28.90 11.68
C VAL H 109 26.17 29.57 12.25
N SER H 110 25.97 30.36 13.31
CA SER H 110 27.11 31.06 13.93
C SER H 110 28.08 30.07 14.57
N GLU H 111 27.55 29.01 15.18
CA GLU H 111 28.38 27.97 15.80
C GLU H 111 29.26 27.28 14.76
N GLY H 112 28.66 26.82 13.67
CA GLY H 112 29.43 26.19 12.62
C GLY H 112 30.34 27.14 11.88
N THR H 113 29.96 28.42 11.82
CA THR H 113 30.80 29.43 11.19
C THR H 113 32.10 29.60 11.96
N LYS H 114 31.98 29.78 13.28
CA LYS H 114 33.17 29.88 14.13
C LYS H 114 33.93 28.56 14.16
N ALA H 115 33.25 27.43 14.02
CA ALA H 115 33.94 26.14 14.06
C ALA H 115 34.76 25.91 12.79
N VAL H 116 34.20 26.24 11.64
CA VAL H 116 34.96 26.13 10.39
C VAL H 116 36.07 27.16 10.35
N THR H 117 35.83 28.33 10.97
CA THR H 117 36.90 29.31 11.14
C THR H 117 38.04 28.73 11.97
N CYS H 118 37.71 28.00 13.04
CA CYS H 118 38.72 27.34 13.85
C CYS H 118 39.39 26.20 13.10
N TYR H 119 38.69 25.59 12.14
CA TYR H 119 39.35 24.60 11.31
C TYR H 119 40.31 25.24 10.34
N THR H 120 39.99 26.44 9.85
CA THR H 120 40.88 27.13 8.94
C THR H 120 42.12 27.63 9.66
N SER H 121 41.94 28.24 10.83
CA SER H 121 43.06 28.82 11.56
C SER H 121 43.99 27.76 12.15
N ALA H 122 43.48 26.56 12.38
CA ALA H 122 44.24 25.45 12.94
C ALA H 122 44.16 24.24 12.03
N LYS H 123 44.44 24.47 10.75
CA LYS H 123 44.43 23.41 9.74
C LYS H 123 45.52 22.38 9.98
N MET K 1 -9.68 -15.95 -57.78
CA MET K 1 -9.73 -16.62 -56.50
C MET K 1 -10.14 -15.64 -55.41
N GLN K 2 -11.03 -16.07 -54.52
CA GLN K 2 -11.34 -15.28 -53.33
C GLN K 2 -11.73 -16.21 -52.20
N ILE K 3 -11.08 -16.04 -51.06
CA ILE K 3 -11.34 -16.85 -49.87
C ILE K 3 -12.00 -15.95 -48.85
N PHE K 4 -12.41 -16.51 -47.71
CA PHE K 4 -13.11 -15.74 -46.70
C PHE K 4 -12.54 -16.07 -45.32
N VAL K 5 -12.99 -15.31 -44.33
CA VAL K 5 -12.67 -15.56 -42.93
C VAL K 5 -13.95 -15.36 -42.14
N LYS K 6 -14.35 -16.38 -41.38
CA LYS K 6 -15.46 -16.24 -40.43
C LYS K 6 -14.89 -15.72 -39.12
N THR K 7 -15.08 -14.43 -38.87
CA THR K 7 -14.58 -13.83 -37.65
C THR K 7 -15.44 -14.24 -36.46
N LEU K 8 -14.92 -13.98 -35.26
CA LEU K 8 -15.75 -14.09 -34.07
C LEU K 8 -16.63 -12.88 -33.88
N THR K 9 -16.43 -11.82 -34.69
CA THR K 9 -17.48 -10.84 -34.92
C THR K 9 -18.44 -11.28 -36.01
N GLY K 10 -18.15 -12.37 -36.71
CA GLY K 10 -19.03 -12.83 -37.77
C GLY K 10 -18.96 -12.00 -39.03
N LYS K 11 -17.89 -11.25 -39.24
CA LYS K 11 -17.72 -10.45 -40.44
C LYS K 11 -17.11 -11.33 -41.53
N THR K 12 -17.94 -11.76 -42.48
CA THR K 12 -17.43 -12.49 -43.63
C THR K 12 -16.68 -11.51 -44.54
N ILE K 13 -15.37 -11.43 -44.35
CA ILE K 13 -14.56 -10.37 -44.95
C ILE K 13 -14.30 -10.68 -46.42
N THR K 14 -14.54 -9.69 -47.28
CA THR K 14 -14.18 -9.82 -48.67
C THR K 14 -12.68 -9.66 -48.82
N LEU K 15 -12.03 -10.64 -49.45
CA LEU K 15 -10.58 -10.73 -49.46
C LEU K 15 -10.10 -10.64 -50.90
N GLU K 16 -9.57 -9.48 -51.29
CA GLU K 16 -9.05 -9.27 -52.64
C GLU K 16 -7.73 -10.01 -52.78
N VAL K 17 -7.84 -11.32 -52.98
CA VAL K 17 -6.67 -12.18 -52.93
C VAL K 17 -6.45 -12.82 -54.28
N GLU K 18 -5.22 -13.28 -54.49
CA GLU K 18 -4.80 -13.99 -55.68
C GLU K 18 -3.87 -15.11 -55.23
N PRO K 19 -3.71 -16.16 -56.04
CA PRO K 19 -2.74 -17.21 -55.69
C PRO K 19 -1.28 -16.73 -55.68
N SER K 20 -0.99 -15.59 -56.29
CA SER K 20 0.32 -14.96 -56.15
C SER K 20 0.50 -14.27 -54.79
N ASP K 21 -0.59 -14.01 -54.08
CA ASP K 21 -0.51 -13.27 -52.83
C ASP K 21 0.01 -14.17 -51.71
N THR K 22 0.87 -13.59 -50.88
CA THR K 22 1.45 -14.34 -49.77
C THR K 22 0.46 -14.41 -48.61
N ILE K 23 0.93 -14.96 -47.49
CA ILE K 23 0.14 -14.94 -46.27
C ILE K 23 0.21 -13.56 -45.62
N GLU K 24 1.41 -12.96 -45.62
CA GLU K 24 1.60 -11.63 -45.06
C GLU K 24 0.86 -10.56 -45.85
N ASN K 25 0.68 -10.80 -47.16
CA ASN K 25 -0.09 -9.89 -47.99
C ASN K 25 -1.54 -9.85 -47.52
N VAL K 26 -2.12 -11.01 -47.25
CA VAL K 26 -3.49 -11.08 -46.74
C VAL K 26 -3.56 -10.54 -45.32
N LYS K 27 -2.49 -10.73 -44.52
CA LYS K 27 -2.45 -10.18 -43.17
C LYS K 27 -2.43 -8.66 -43.19
N ALA K 28 -1.67 -8.07 -44.11
CA ALA K 28 -1.68 -6.63 -44.26
C ALA K 28 -3.00 -6.14 -44.83
N LYS K 29 -3.68 -6.94 -45.64
CA LYS K 29 -5.03 -6.57 -46.12
C LYS K 29 -6.04 -6.59 -44.99
N ILE K 30 -5.89 -7.54 -44.06
CA ILE K 30 -6.75 -7.57 -42.88
C ILE K 30 -6.42 -6.40 -41.96
N GLN K 31 -5.15 -5.99 -41.92
CA GLN K 31 -4.80 -4.74 -41.24
C GLN K 31 -5.42 -3.54 -41.94
N ASP K 32 -5.55 -3.61 -43.26
CA ASP K 32 -6.07 -2.49 -44.04
C ASP K 32 -7.56 -2.31 -43.81
N LYS K 33 -8.34 -3.36 -44.03
CA LYS K 33 -9.79 -3.27 -43.94
C LYS K 33 -10.33 -3.80 -42.62
N GLU K 34 -9.47 -3.97 -41.62
CA GLU K 34 -9.88 -4.37 -40.28
C GLU K 34 -9.23 -3.55 -39.19
N GLY K 35 -8.12 -2.86 -39.46
CA GLY K 35 -7.41 -2.12 -38.44
C GLY K 35 -6.65 -2.96 -37.44
N ILE K 36 -6.55 -4.26 -37.67
CA ILE K 36 -6.01 -5.20 -36.70
C ILE K 36 -4.51 -5.33 -36.95
N PRO K 37 -3.67 -5.26 -35.93
CA PRO K 37 -2.27 -5.63 -36.09
C PRO K 37 -2.15 -7.09 -36.51
N PRO K 38 -1.40 -7.37 -37.58
CA PRO K 38 -1.30 -8.75 -38.09
C PRO K 38 -0.40 -9.67 -37.28
N ASP K 39 0.02 -9.27 -36.09
CA ASP K 39 0.91 -10.04 -35.24
C ASP K 39 0.32 -11.36 -34.76
N GLN K 40 -0.99 -11.51 -34.85
CA GLN K 40 -1.69 -12.59 -34.18
C GLN K 40 -2.61 -13.39 -35.09
N GLN K 41 -2.81 -12.96 -36.33
CA GLN K 41 -3.95 -13.36 -37.16
C GLN K 41 -3.75 -14.77 -37.70
N ARG K 42 -3.93 -15.75 -36.82
CA ARG K 42 -4.02 -17.12 -37.29
C ARG K 42 -5.35 -17.32 -37.99
N LEU K 43 -5.33 -18.01 -39.11
CA LEU K 43 -6.54 -18.33 -39.85
C LEU K 43 -6.65 -19.84 -39.98
N ILE K 44 -7.80 -20.38 -39.57
CA ILE K 44 -7.97 -21.83 -39.52
C ILE K 44 -8.11 -22.35 -40.93
N PHE K 45 -7.03 -22.89 -41.47
CA PHE K 45 -7.03 -23.57 -42.75
C PHE K 45 -6.78 -25.04 -42.47
N ALA K 46 -7.89 -25.79 -42.31
CA ALA K 46 -7.92 -27.20 -41.92
C ALA K 46 -7.15 -27.45 -40.62
N GLY K 47 -7.30 -26.51 -39.68
CA GLY K 47 -6.56 -26.60 -38.43
C GLY K 47 -5.08 -26.36 -38.56
N LYS K 48 -4.68 -25.39 -39.36
CA LYS K 48 -3.28 -25.01 -39.51
C LYS K 48 -3.14 -23.50 -39.44
N GLN K 49 -2.15 -23.04 -38.68
CA GLN K 49 -1.70 -21.67 -38.83
C GLN K 49 -0.99 -21.51 -40.16
N LEU K 50 -1.31 -20.43 -40.86
CA LEU K 50 -0.64 -20.10 -42.11
C LEU K 50 0.57 -19.24 -41.82
N GLU K 51 1.64 -19.45 -42.58
CA GLU K 51 2.94 -18.85 -42.32
C GLU K 51 3.38 -18.02 -43.52
N ASP K 52 3.96 -16.85 -43.25
CA ASP K 52 4.24 -15.86 -44.28
C ASP K 52 5.34 -16.29 -45.25
N GLY K 53 6.12 -17.32 -44.91
CA GLY K 53 7.08 -17.85 -45.86
C GLY K 53 6.42 -18.54 -47.04
N ARG K 54 5.23 -19.08 -46.84
CA ARG K 54 4.43 -19.63 -47.92
C ARG K 54 3.48 -18.56 -48.44
N THR K 55 2.75 -18.89 -49.49
CA THR K 55 1.71 -18.04 -50.05
C THR K 55 0.38 -18.76 -49.89
N LEU K 56 -0.66 -18.19 -50.51
CA LEU K 56 -1.96 -18.84 -50.50
C LEU K 56 -1.94 -20.12 -51.32
N SER K 57 -1.38 -20.07 -52.51
CA SER K 57 -1.29 -21.23 -53.39
C SER K 57 -0.24 -22.22 -52.95
N ASP K 58 0.70 -21.82 -52.10
CA ASP K 58 1.65 -22.77 -51.53
C ASP K 58 0.94 -23.72 -50.57
N TYR K 59 0.00 -23.21 -49.79
CA TYR K 59 -0.90 -24.07 -49.06
C TYR K 59 -1.99 -24.65 -49.94
N ASN K 60 -2.08 -24.19 -51.20
CA ASN K 60 -3.15 -24.48 -52.15
C ASN K 60 -4.50 -24.19 -51.51
N ILE K 61 -4.62 -22.97 -51.00
CA ILE K 61 -5.85 -22.53 -50.35
C ILE K 61 -6.91 -22.36 -51.44
N GLN K 62 -7.89 -23.26 -51.44
CA GLN K 62 -9.02 -23.19 -52.35
C GLN K 62 -9.81 -21.91 -52.08
N LYS K 63 -10.39 -21.35 -53.14
CA LYS K 63 -11.25 -20.19 -52.98
C LYS K 63 -12.48 -20.53 -52.15
N GLU K 64 -13.01 -19.52 -51.47
CA GLU K 64 -14.12 -19.63 -50.52
C GLU K 64 -13.80 -20.57 -49.36
N SER K 65 -12.52 -20.73 -49.04
CA SER K 65 -12.12 -21.39 -47.80
C SER K 65 -12.34 -20.34 -46.71
N THR K 66 -13.52 -20.39 -46.10
CA THR K 66 -13.88 -19.39 -45.09
C THR K 66 -13.10 -19.68 -43.82
N LEU K 67 -12.06 -18.88 -43.58
CA LEU K 67 -11.11 -19.13 -42.50
C LEU K 67 -11.70 -18.59 -41.19
N HIS K 68 -10.87 -18.49 -40.15
CA HIS K 68 -11.36 -18.02 -38.85
C HIS K 68 -10.32 -17.14 -38.19
N LEU K 69 -10.74 -15.96 -37.75
CA LEU K 69 -9.82 -14.96 -37.23
C LEU K 69 -9.41 -15.37 -35.82
N VAL K 70 -8.24 -15.98 -35.71
CA VAL K 70 -7.68 -16.42 -34.45
C VAL K 70 -6.55 -15.45 -34.09
N LEU K 71 -6.38 -15.19 -32.80
CA LEU K 71 -5.51 -14.11 -32.32
C LEU K 71 -4.41 -14.75 -31.48
N ARG K 72 -3.30 -15.12 -32.13
CA ARG K 72 -2.12 -15.58 -31.40
C ARG K 72 -1.39 -14.36 -30.85
N LEU K 73 -1.88 -13.85 -29.71
CA LEU K 73 -1.53 -12.51 -29.19
C LEU K 73 -0.05 -12.23 -29.07
N ARG K 74 0.43 -11.34 -29.91
CA ARG K 74 1.85 -11.04 -29.98
C ARG K 74 2.03 -9.58 -29.65
N GLY K 75 1.31 -9.11 -28.64
CA GLY K 75 1.84 -8.02 -27.87
C GLY K 75 2.93 -8.68 -27.09
N CYS K 76 2.53 -9.69 -26.31
CA CYS K 76 3.38 -10.72 -25.72
C CYS K 76 4.52 -10.21 -24.84
N ARG L 8 -13.99 -50.47 13.25
CA ARG L 8 -14.76 -51.32 12.35
C ARG L 8 -16.11 -50.69 12.00
N LEU L 9 -16.14 -49.87 10.95
CA LEU L 9 -17.38 -49.30 10.47
C LEU L 9 -17.50 -49.55 8.97
N LYS L 10 -18.53 -50.28 8.58
CA LYS L 10 -18.62 -50.80 7.22
C LYS L 10 -19.15 -49.77 6.25
N SER L 11 -18.83 -49.99 4.98
CA SER L 11 -19.62 -49.40 3.91
C SER L 11 -21.01 -50.00 3.96
N PRO L 12 -22.06 -49.25 3.59
CA PRO L 12 -23.43 -49.75 3.72
C PRO L 12 -23.81 -50.90 2.78
N VAL L 13 -22.93 -51.32 1.88
CA VAL L 13 -23.18 -52.49 1.05
C VAL L 13 -22.52 -53.74 1.62
N GLY L 14 -22.17 -53.72 2.91
CA GLY L 14 -21.54 -54.86 3.53
C GLY L 14 -20.08 -55.03 3.23
N ALA L 15 -19.40 -53.96 2.82
CA ALA L 15 -17.99 -54.05 2.45
C ALA L 15 -17.07 -53.98 3.66
N GLU L 16 -15.79 -53.73 3.41
CA GLU L 16 -14.78 -53.80 4.46
C GLU L 16 -14.99 -52.68 5.49
N PRO L 17 -14.96 -52.99 6.78
CA PRO L 17 -15.18 -51.97 7.79
C PRO L 17 -14.00 -51.03 7.96
N ALA L 18 -14.32 -49.77 8.23
CA ALA L 18 -13.28 -48.80 8.55
C ALA L 18 -12.75 -49.08 9.95
N VAL L 19 -11.67 -49.86 10.03
CA VAL L 19 -11.17 -50.33 11.31
C VAL L 19 -10.48 -49.19 12.06
N TYR L 20 -10.75 -49.11 13.36
CA TYR L 20 -10.33 -48.03 14.23
C TYR L 20 -9.55 -48.55 15.42
N PRO L 21 -8.53 -47.85 15.88
CA PRO L 21 -7.75 -48.32 17.02
C PRO L 21 -8.40 -47.95 18.34
N TRP L 22 -8.13 -48.79 19.34
CA TRP L 22 -8.35 -48.40 20.72
C TRP L 22 -7.00 -48.26 21.40
N PRO L 23 -6.59 -47.05 21.83
CA PRO L 23 -7.28 -45.76 21.84
C PRO L 23 -7.46 -45.09 20.47
N LEU L 24 -8.38 -44.14 20.42
CA LEU L 24 -8.65 -43.41 19.21
C LEU L 24 -7.50 -42.45 18.89
N PRO L 25 -7.24 -42.17 17.60
CA PRO L 25 -6.11 -41.30 17.24
C PRO L 25 -6.27 -39.86 17.70
N VAL L 26 -5.43 -39.46 18.65
CA VAL L 26 -5.50 -38.12 19.21
C VAL L 26 -4.71 -37.17 18.33
N TYR L 27 -5.40 -36.15 17.79
CA TYR L 27 -4.78 -35.12 16.98
C TYR L 27 -4.64 -33.81 17.74
N ASP L 28 -5.67 -33.41 18.47
CA ASP L 28 -5.60 -32.28 19.38
C ASP L 28 -6.57 -32.54 20.52
N LYS L 29 -6.89 -31.50 21.28
CA LYS L 29 -7.90 -31.58 22.32
C LYS L 29 -9.27 -31.12 21.82
N HIS L 30 -9.29 -30.11 20.97
CA HIS L 30 -10.54 -29.53 20.48
C HIS L 30 -10.97 -30.27 19.21
N HIS L 31 -12.01 -31.10 19.35
CA HIS L 31 -12.63 -31.88 18.27
C HIS L 31 -11.61 -32.81 17.60
N ASP L 32 -11.12 -33.76 18.39
CA ASP L 32 -10.27 -34.82 17.86
C ASP L 32 -11.13 -35.99 17.37
N ALA L 33 -10.51 -37.13 17.08
CA ALA L 33 -11.16 -38.22 16.36
C ALA L 33 -12.22 -38.97 17.16
N ALA L 34 -12.36 -38.68 18.46
CA ALA L 34 -13.45 -39.28 19.23
C ALA L 34 -14.79 -38.72 18.79
N HIS L 35 -14.89 -37.39 18.74
CA HIS L 35 -16.11 -36.72 18.31
C HIS L 35 -16.38 -36.93 16.83
N GLU L 36 -15.34 -37.24 16.06
CA GLU L 36 -15.43 -37.36 14.60
C GLU L 36 -16.24 -38.58 14.17
N ILE L 37 -15.96 -39.74 14.77
CA ILE L 37 -16.66 -40.97 14.45
C ILE L 37 -18.12 -40.86 14.82
N ILE L 38 -18.37 -40.21 15.96
CA ILE L 38 -19.72 -39.96 16.43
C ILE L 38 -20.47 -39.07 15.45
N GLU L 39 -19.82 -38.01 14.96
CA GLU L 39 -20.48 -37.16 13.98
C GLU L 39 -20.63 -37.83 12.62
N THR L 40 -19.74 -38.77 12.29
CA THR L 40 -19.91 -39.55 11.07
C THR L 40 -21.20 -40.35 11.13
N ILE L 41 -21.45 -40.98 12.27
CA ILE L 41 -22.73 -41.67 12.41
C ILE L 41 -23.88 -40.69 12.68
N ARG L 42 -23.58 -39.44 13.06
CA ARG L 42 -24.64 -38.42 13.00
C ARG L 42 -24.99 -38.06 11.57
N TRP L 43 -24.03 -38.14 10.64
CA TRP L 43 -24.39 -37.99 9.23
C TRP L 43 -25.09 -39.24 8.71
N VAL L 44 -24.83 -40.40 9.33
CA VAL L 44 -25.63 -41.58 9.02
C VAL L 44 -27.06 -41.40 9.54
N CYS L 45 -27.22 -40.67 10.64
CA CYS L 45 -28.55 -40.22 11.03
C CYS L 45 -29.11 -39.25 10.00
N GLU L 46 -28.25 -38.41 9.42
CA GLU L 46 -28.66 -37.54 8.32
C GLU L 46 -28.87 -38.31 7.01
N GLU L 47 -28.46 -39.58 6.96
CA GLU L 47 -28.81 -40.48 5.86
C GLU L 47 -30.23 -41.01 6.04
N ILE L 48 -30.54 -42.09 5.33
CA ILE L 48 -31.80 -42.81 5.43
C ILE L 48 -32.06 -43.25 6.87
N PRO L 49 -33.11 -42.73 7.52
CA PRO L 49 -33.24 -42.86 8.98
C PRO L 49 -33.74 -44.20 9.47
N ASP L 50 -32.85 -45.17 9.68
CA ASP L 50 -33.17 -46.40 10.38
C ASP L 50 -32.20 -46.68 11.53
N LEU L 51 -31.59 -45.64 12.10
CA LEU L 51 -30.62 -45.80 13.17
C LEU L 51 -30.79 -44.83 14.34
N LYS L 52 -31.52 -43.71 14.16
CA LYS L 52 -31.72 -42.76 15.26
C LYS L 52 -32.53 -43.37 16.41
N LEU L 53 -33.35 -44.37 16.11
CA LEU L 53 -34.01 -45.18 17.13
C LEU L 53 -33.01 -45.79 18.12
N ALA L 54 -31.84 -46.20 17.63
CA ALA L 54 -30.78 -46.69 18.50
C ALA L 54 -29.80 -45.61 18.90
N MET L 55 -29.72 -44.52 18.13
CA MET L 55 -28.76 -43.46 18.44
C MET L 55 -29.23 -42.58 19.59
N GLU L 56 -30.54 -42.47 19.80
CA GLU L 56 -31.03 -41.80 21.00
C GLU L 56 -30.77 -42.62 22.24
N ASN L 57 -30.61 -43.93 22.09
CA ASN L 57 -30.42 -44.85 23.20
C ASN L 57 -28.91 -45.02 23.44
N TYR L 58 -28.42 -44.51 24.56
CA TYR L 58 -27.11 -44.80 25.14
C TYR L 58 -25.94 -44.34 24.26
N VAL L 59 -26.21 -43.49 23.26
CA VAL L 59 -25.15 -42.84 22.50
C VAL L 59 -25.35 -41.36 22.86
N LEU L 60 -25.78 -41.15 24.10
CA LEU L 60 -26.11 -39.84 24.63
C LEU L 60 -24.86 -38.96 24.71
N ILE L 61 -25.09 -37.65 24.82
CA ILE L 61 -24.01 -36.68 24.93
C ILE L 61 -23.24 -36.88 26.23
N ASP L 62 -23.92 -37.33 27.29
CA ASP L 62 -23.26 -37.65 28.54
C ASP L 62 -22.61 -39.03 28.44
N TYR L 63 -21.28 -39.05 28.43
CA TYR L 63 -20.48 -40.26 28.48
C TYR L 63 -19.07 -39.84 28.86
N ASP L 64 -18.36 -40.73 29.54
CA ASP L 64 -17.01 -40.40 30.00
C ASP L 64 -16.03 -40.34 28.83
N THR L 65 -14.90 -39.68 29.08
CA THR L 65 -13.83 -39.64 28.11
C THR L 65 -13.27 -41.04 27.92
N LYS L 66 -12.94 -41.36 26.67
CA LYS L 66 -12.48 -42.69 26.22
C LYS L 66 -13.51 -43.76 26.57
N SER L 67 -14.72 -43.56 26.04
CA SER L 67 -15.80 -44.52 26.25
C SER L 67 -15.74 -45.54 25.13
N PHE L 68 -14.94 -46.60 25.35
CA PHE L 68 -14.98 -47.77 24.48
C PHE L 68 -16.33 -48.47 24.53
N GLU L 69 -17.06 -48.30 25.63
CA GLU L 69 -18.43 -48.77 25.72
C GLU L 69 -19.30 -48.10 24.66
N SER L 70 -19.22 -46.76 24.55
CA SER L 70 -19.98 -46.06 23.53
C SER L 70 -19.43 -46.34 22.14
N MET L 71 -18.13 -46.66 22.02
CA MET L 71 -17.56 -47.06 20.75
C MET L 71 -18.14 -48.38 20.26
N GLN L 72 -18.21 -49.37 21.16
CA GLN L 72 -18.76 -50.67 20.78
C GLN L 72 -20.26 -50.59 20.56
N ARG L 73 -20.96 -49.77 21.37
CA ARG L 73 -22.37 -49.50 21.13
C ARG L 73 -22.59 -48.86 19.77
N LEU L 74 -21.79 -47.85 19.44
CA LEU L 74 -21.94 -47.10 18.20
C LEU L 74 -21.67 -48.00 17.00
N CYS L 75 -20.60 -48.80 17.07
CA CYS L 75 -20.26 -49.69 15.97
C CYS L 75 -21.29 -50.80 15.80
N ASP L 76 -21.77 -51.38 16.90
CA ASP L 76 -22.71 -52.49 16.76
C ASP L 76 -24.11 -52.03 16.39
N LYS L 77 -24.52 -50.85 16.86
CA LYS L 77 -25.77 -50.26 16.40
C LYS L 77 -25.70 -49.92 14.92
N TYR L 78 -24.55 -49.42 14.45
CA TYR L 78 -24.41 -49.16 13.01
C TYR L 78 -24.38 -50.45 12.21
N ASN L 79 -23.80 -51.53 12.76
CA ASN L 79 -23.80 -52.80 12.05
C ASN L 79 -25.19 -53.39 11.98
N ARG L 80 -25.98 -53.25 13.05
CA ARG L 80 -27.39 -53.65 12.98
C ARG L 80 -28.19 -52.77 12.04
N ALA L 81 -27.83 -51.50 11.92
CA ALA L 81 -28.53 -50.62 10.97
C ALA L 81 -28.23 -51.02 9.53
N ILE L 82 -26.96 -51.35 9.24
CA ILE L 82 -26.62 -51.80 7.90
C ILE L 82 -27.23 -53.17 7.62
N ASP L 83 -27.34 -54.02 8.64
CA ASP L 83 -28.05 -55.29 8.45
C ASP L 83 -29.54 -55.08 8.22
N SER L 84 -30.13 -54.05 8.82
CA SER L 84 -31.54 -53.75 8.58
C SER L 84 -31.75 -53.21 7.18
N ILE L 85 -30.85 -52.35 6.72
CA ILE L 85 -30.90 -51.87 5.34
C ILE L 85 -30.64 -53.00 4.36
N HIS L 86 -29.84 -53.99 4.76
CA HIS L 86 -29.64 -55.16 3.91
C HIS L 86 -30.86 -56.07 3.88
N GLN L 87 -31.59 -56.19 5.00
CA GLN L 87 -32.84 -56.94 4.96
C GLN L 87 -33.90 -56.22 4.16
N LEU L 88 -33.82 -54.89 4.10
CA LEU L 88 -34.64 -54.13 3.17
C LEU L 88 -34.23 -54.38 1.72
N TRP L 89 -32.91 -54.50 1.47
CA TRP L 89 -32.41 -54.64 0.11
C TRP L 89 -32.67 -56.02 -0.47
N LYS L 90 -32.39 -57.07 0.30
CA LYS L 90 -32.17 -58.40 -0.26
C LYS L 90 -33.46 -59.14 -0.62
N GLY L 91 -34.60 -58.46 -0.73
CA GLY L 91 -35.79 -59.08 -1.26
C GLY L 91 -35.81 -58.95 -2.77
N THR L 92 -36.83 -58.29 -3.30
CA THR L 92 -36.90 -57.97 -4.72
C THR L 92 -36.48 -56.52 -4.98
N THR L 93 -35.48 -56.04 -4.24
CA THR L 93 -35.10 -54.63 -4.25
C THR L 93 -33.65 -54.49 -4.68
N GLN L 94 -33.38 -53.48 -5.50
CA GLN L 94 -32.00 -53.18 -5.86
C GLN L 94 -31.26 -52.59 -4.66
N PRO L 95 -29.99 -52.99 -4.42
CA PRO L 95 -29.25 -52.46 -3.28
C PRO L 95 -29.00 -50.96 -3.29
N MET L 96 -28.28 -50.44 -4.28
CA MET L 96 -27.87 -49.05 -4.24
C MET L 96 -27.40 -48.60 -5.60
N LYS L 97 -27.85 -47.41 -6.02
CA LYS L 97 -27.23 -46.73 -7.15
C LYS L 97 -25.83 -46.27 -6.76
N LEU L 98 -24.85 -46.62 -7.59
CA LEU L 98 -23.45 -46.39 -7.21
C LEU L 98 -23.07 -44.94 -7.33
N ASN L 99 -23.24 -44.35 -8.51
CA ASN L 99 -22.71 -43.06 -8.91
C ASN L 99 -23.35 -41.86 -8.20
N THR L 100 -24.25 -42.03 -7.23
CA THR L 100 -24.83 -40.90 -6.53
C THR L 100 -23.78 -40.22 -5.65
N ARG L 101 -24.08 -38.98 -5.29
CA ARG L 101 -23.08 -38.12 -4.69
C ARG L 101 -23.40 -37.80 -3.24
N PRO L 102 -22.39 -37.52 -2.41
CA PRO L 102 -22.66 -37.03 -1.07
C PRO L 102 -23.23 -35.62 -1.08
N SER L 103 -23.94 -35.28 -0.01
CA SER L 103 -24.57 -33.98 0.11
C SER L 103 -23.54 -32.97 0.63
N THR L 104 -24.03 -31.80 1.05
CA THR L 104 -23.15 -30.67 1.30
C THR L 104 -22.36 -30.82 2.60
N GLY L 105 -23.06 -30.82 3.73
CA GLY L 105 -22.38 -30.96 5.02
C GLY L 105 -21.79 -32.34 5.21
N LEU L 106 -22.35 -33.33 4.53
CA LEU L 106 -21.74 -34.66 4.46
C LEU L 106 -20.36 -34.60 3.84
N LEU L 107 -20.23 -33.94 2.70
CA LEU L 107 -18.93 -33.84 2.05
C LEU L 107 -17.98 -32.92 2.82
N ARG L 108 -18.53 -31.94 3.56
CA ARG L 108 -17.70 -31.15 4.47
C ARG L 108 -17.11 -32.02 5.56
N HIS L 109 -17.93 -32.91 6.11
CA HIS L 109 -17.43 -33.91 7.05
C HIS L 109 -16.43 -34.84 6.39
N ILE L 110 -16.65 -35.20 5.13
CA ILE L 110 -15.72 -36.08 4.42
C ILE L 110 -14.36 -35.42 4.27
N LEU L 111 -14.33 -34.14 3.90
CA LEU L 111 -13.06 -33.44 3.74
C LEU L 111 -12.36 -33.23 5.08
N GLN L 112 -13.11 -32.91 6.13
CA GLN L 112 -12.52 -32.84 7.46
C GLN L 112 -12.02 -34.21 7.91
N GLN L 113 -12.70 -35.26 7.47
CA GLN L 113 -12.33 -36.63 7.82
C GLN L 113 -11.02 -37.02 7.13
N VAL L 114 -10.87 -36.64 5.86
CA VAL L 114 -9.62 -36.90 5.15
C VAL L 114 -8.50 -36.07 5.77
N TYR L 115 -8.83 -34.84 6.21
CA TYR L 115 -7.84 -33.98 6.85
C TYR L 115 -7.32 -34.58 8.15
N ASN L 116 -8.22 -35.13 8.97
CA ASN L 116 -7.80 -35.79 10.20
C ASN L 116 -7.03 -37.06 9.89
N HIS L 117 -7.65 -37.98 9.15
CA HIS L 117 -7.10 -39.31 8.93
C HIS L 117 -5.94 -39.33 7.93
N SER L 118 -5.62 -38.21 7.29
CA SER L 118 -4.47 -38.12 6.41
C SER L 118 -3.45 -37.13 6.95
N VAL L 119 -3.87 -35.90 7.22
CA VAL L 119 -3.01 -34.93 7.87
C VAL L 119 -2.93 -35.38 9.32
N THR L 120 -1.85 -36.11 9.63
CA THR L 120 -1.58 -36.62 10.96
C THR L 120 -0.39 -35.91 11.57
N ASP L 121 0.17 -34.93 10.88
CA ASP L 121 1.26 -34.12 11.40
C ASP L 121 1.15 -32.72 10.81
N PRO L 122 0.31 -31.86 11.41
CA PRO L 122 0.33 -30.44 11.00
C PRO L 122 1.55 -29.71 11.48
N GLU L 123 2.30 -30.28 12.42
CA GLU L 123 3.43 -29.59 13.01
C GLU L 123 4.57 -29.42 12.01
N LYS L 124 5.00 -30.52 11.37
CA LYS L 124 5.99 -30.39 10.32
C LYS L 124 5.43 -29.74 9.06
N LEU L 125 4.10 -29.73 8.90
CA LEU L 125 3.49 -28.88 7.89
C LEU L 125 3.67 -27.41 8.23
N ASN L 126 3.64 -27.07 9.52
CA ASN L 126 3.96 -25.71 9.92
C ASN L 126 5.45 -25.44 9.77
N ASN L 127 6.29 -26.46 10.01
CA ASN L 127 7.73 -26.32 9.90
C ASN L 127 8.13 -26.47 8.43
N TYR L 128 8.01 -25.37 7.69
CA TYR L 128 8.48 -25.40 6.32
C TYR L 128 9.38 -24.21 6.03
N GLU L 129 9.70 -24.02 4.79
CA GLU L 129 10.79 -23.24 4.25
C GLU L 129 10.38 -21.78 4.06
N PRO L 130 11.35 -20.83 3.89
CA PRO L 130 10.98 -19.42 3.74
C PRO L 130 10.30 -19.05 2.44
N PHE L 131 10.17 -17.74 2.22
CA PHE L 131 9.37 -17.10 1.18
C PHE L 131 9.58 -17.65 -0.23
N SER L 132 8.52 -18.24 -0.75
CA SER L 132 8.37 -18.96 -2.00
C SER L 132 6.87 -19.22 -2.03
N PRO L 133 6.28 -19.73 -3.13
CA PRO L 133 4.82 -19.93 -3.10
C PRO L 133 4.32 -21.11 -2.26
N GLU L 134 5.16 -21.63 -1.36
CA GLU L 134 5.05 -22.68 -0.34
C GLU L 134 4.12 -22.27 0.86
N VAL L 135 3.44 -21.14 0.73
CA VAL L 135 2.59 -20.59 1.78
C VAL L 135 1.38 -21.50 1.96
N TYR L 136 1.39 -22.28 3.06
CA TYR L 136 0.41 -23.33 3.28
C TYR L 136 -0.84 -22.73 3.93
N GLY L 137 -1.54 -21.95 3.14
CA GLY L 137 -2.83 -21.40 3.52
C GLY L 137 -3.90 -22.11 2.72
N GLU L 138 -5.01 -22.43 3.37
CA GLU L 138 -6.03 -23.24 2.74
C GLU L 138 -7.37 -22.51 2.78
N THR L 139 -8.37 -23.16 2.19
CA THR L 139 -9.69 -22.59 2.01
C THR L 139 -10.71 -23.54 2.62
N SER L 140 -11.78 -22.97 3.18
CA SER L 140 -12.86 -23.74 3.76
C SER L 140 -13.60 -24.54 2.70
N PHE L 141 -14.50 -25.39 3.19
CA PHE L 141 -15.40 -26.13 2.32
C PHE L 141 -16.34 -25.19 1.58
N ASP L 142 -16.71 -24.08 2.20
CA ASP L 142 -17.94 -23.41 1.87
C ASP L 142 -17.78 -22.42 0.73
N LEU L 143 -16.66 -21.67 0.70
CA LEU L 143 -16.42 -20.79 -0.43
C LEU L 143 -16.20 -21.60 -1.68
N VAL L 144 -15.52 -22.73 -1.54
CA VAL L 144 -15.32 -23.64 -2.67
C VAL L 144 -16.64 -24.20 -3.12
N ALA L 145 -17.53 -24.52 -2.19
CA ALA L 145 -18.85 -25.04 -2.53
C ALA L 145 -19.67 -24.01 -3.29
N GLN L 146 -19.67 -22.76 -2.81
CA GLN L 146 -20.38 -21.69 -3.50
C GLN L 146 -19.75 -21.39 -4.85
N MET L 147 -18.43 -21.53 -4.97
CA MET L 147 -17.75 -21.34 -6.24
C MET L 147 -18.12 -22.43 -7.23
N ILE L 148 -18.26 -23.66 -6.74
CA ILE L 148 -18.74 -24.76 -7.56
C ILE L 148 -20.17 -24.49 -8.01
N ASP L 149 -20.98 -23.90 -7.13
CA ASP L 149 -22.32 -23.46 -7.53
C ASP L 149 -22.28 -22.36 -8.57
N GLU L 150 -21.25 -21.50 -8.51
CA GLU L 150 -21.07 -20.41 -9.44
C GLU L 150 -20.55 -20.86 -10.80
N ILE L 151 -19.84 -21.99 -10.87
CA ILE L 151 -19.24 -22.45 -12.11
C ILE L 151 -19.68 -23.87 -12.37
N LYS L 152 -20.57 -24.04 -13.36
CA LYS L 152 -21.11 -25.34 -13.74
C LYS L 152 -20.04 -26.11 -14.51
N MET L 153 -19.16 -26.77 -13.76
CA MET L 153 -18.06 -27.52 -14.35
C MET L 153 -18.59 -28.82 -14.94
N THR L 154 -18.55 -28.90 -16.27
CA THR L 154 -19.15 -30.00 -17.00
C THR L 154 -18.21 -31.19 -17.01
N ASP L 155 -18.56 -32.20 -17.80
CA ASP L 155 -17.64 -33.29 -18.12
C ASP L 155 -16.44 -32.83 -18.92
N ASP L 156 -16.55 -31.69 -19.61
CA ASP L 156 -15.46 -31.10 -20.36
C ASP L 156 -14.70 -30.08 -19.53
N ASP L 157 -15.43 -29.23 -18.82
CA ASP L 157 -14.83 -28.24 -17.95
C ASP L 157 -14.27 -28.97 -16.73
N LEU L 158 -12.99 -29.27 -16.76
CA LEU L 158 -12.35 -29.97 -15.67
C LEU L 158 -11.72 -28.94 -14.74
N PHE L 159 -10.92 -29.39 -13.79
CA PHE L 159 -10.29 -28.46 -12.86
C PHE L 159 -8.79 -28.67 -12.83
N VAL L 160 -8.07 -27.55 -12.67
CA VAL L 160 -6.62 -27.54 -12.49
C VAL L 160 -6.31 -26.81 -11.18
N ASP L 161 -5.54 -27.46 -10.31
CA ASP L 161 -4.89 -26.79 -9.20
C ASP L 161 -3.39 -27.02 -9.36
N LEU L 162 -2.74 -26.18 -10.14
CA LEU L 162 -1.28 -26.10 -10.11
C LEU L 162 -0.84 -25.62 -8.75
N GLY L 163 -0.06 -26.43 -8.06
CA GLY L 163 0.16 -26.08 -6.68
C GLY L 163 -1.00 -26.55 -5.85
N SER L 164 -1.21 -27.86 -5.80
CA SER L 164 -2.41 -28.43 -5.23
C SER L 164 -2.43 -28.37 -3.70
N GLY L 165 -1.28 -28.14 -3.05
CA GLY L 165 -1.24 -28.17 -1.61
C GLY L 165 -1.46 -29.57 -1.08
N VAL L 166 -2.64 -29.83 -0.54
CA VAL L 166 -3.11 -31.19 -0.33
C VAL L 166 -4.38 -31.50 -1.11
N GLY L 167 -4.87 -30.57 -1.91
CA GLY L 167 -5.86 -30.85 -2.93
C GLY L 167 -7.23 -31.21 -2.44
N GLN L 168 -7.58 -30.83 -1.21
CA GLN L 168 -8.91 -31.12 -0.67
C GLN L 168 -9.98 -30.36 -1.43
N VAL L 169 -9.59 -29.21 -2.00
CA VAL L 169 -10.46 -28.43 -2.87
C VAL L 169 -10.76 -29.20 -4.14
N VAL L 170 -9.74 -29.86 -4.68
CA VAL L 170 -9.91 -30.65 -5.89
C VAL L 170 -10.81 -31.85 -5.62
N LEU L 171 -10.71 -32.41 -4.42
CA LEU L 171 -11.58 -33.52 -4.06
C LEU L 171 -13.01 -33.04 -3.90
N GLN L 172 -13.18 -31.82 -3.39
CA GLN L 172 -14.50 -31.21 -3.28
C GLN L 172 -15.13 -31.00 -4.65
N VAL L 173 -14.33 -30.51 -5.61
CA VAL L 173 -14.81 -30.32 -6.97
C VAL L 173 -15.13 -31.67 -7.61
N ALA L 174 -14.32 -32.68 -7.35
CA ALA L 174 -14.53 -34.00 -7.93
C ALA L 174 -15.80 -34.65 -7.40
N ALA L 175 -16.01 -34.59 -6.10
CA ALA L 175 -17.23 -35.15 -5.54
C ALA L 175 -18.44 -34.27 -5.80
N ALA L 176 -18.25 -33.01 -6.19
CA ALA L 176 -19.38 -32.16 -6.49
C ALA L 176 -19.86 -32.30 -7.93
N THR L 177 -19.01 -31.96 -8.89
CA THR L 177 -19.49 -31.80 -10.25
C THR L 177 -19.51 -33.12 -11.01
N ASN L 178 -19.93 -33.06 -12.26
CA ASN L 178 -20.01 -34.22 -13.15
C ASN L 178 -18.80 -34.31 -14.07
N CYS L 179 -17.63 -33.94 -13.57
CA CYS L 179 -16.47 -33.83 -14.42
C CYS L 179 -15.89 -35.20 -14.75
N LYS L 180 -15.12 -35.22 -15.83
CA LYS L 180 -14.40 -36.42 -16.23
C LYS L 180 -13.15 -36.62 -15.39
N HIS L 181 -12.29 -35.62 -15.31
CA HIS L 181 -11.00 -35.76 -14.68
C HIS L 181 -10.64 -34.44 -14.02
N HIS L 182 -9.58 -34.44 -13.22
CA HIS L 182 -9.05 -33.20 -12.66
C HIS L 182 -7.53 -33.27 -12.61
N TYR L 183 -6.91 -32.11 -12.46
CA TYR L 183 -5.46 -32.05 -12.43
C TYR L 183 -4.99 -31.50 -11.09
N GLY L 184 -3.71 -31.66 -10.84
CA GLY L 184 -3.09 -31.13 -9.64
C GLY L 184 -1.61 -31.45 -9.61
N VAL L 185 -0.81 -30.54 -9.07
CA VAL L 185 0.63 -30.71 -8.99
C VAL L 185 1.08 -30.00 -7.71
N GLU L 186 2.30 -30.28 -7.27
CA GLU L 186 2.76 -29.73 -6.00
C GLU L 186 4.28 -29.69 -5.98
N LYS L 187 4.81 -28.70 -5.27
CA LYS L 187 6.24 -28.42 -5.20
C LYS L 187 6.84 -28.69 -3.82
N ALA L 188 6.10 -28.41 -2.74
CA ALA L 188 6.61 -28.59 -1.40
C ALA L 188 6.42 -30.03 -0.94
N ASP L 189 7.46 -30.59 -0.32
CA ASP L 189 7.59 -32.04 -0.24
C ASP L 189 6.68 -32.64 0.83
N ILE L 190 6.66 -32.03 2.01
CA ILE L 190 5.82 -32.55 3.10
C ILE L 190 4.33 -32.50 2.77
N PRO L 191 3.75 -31.37 2.28
CA PRO L 191 2.34 -31.46 1.90
C PRO L 191 2.09 -32.24 0.63
N ALA L 192 3.09 -32.49 -0.22
CA ALA L 192 2.84 -33.36 -1.36
C ALA L 192 2.77 -34.82 -0.95
N LYS L 193 3.64 -35.22 -0.02
CA LYS L 193 3.54 -36.56 0.55
C LYS L 193 2.23 -36.73 1.30
N TYR L 194 1.85 -35.72 2.07
CA TYR L 194 0.56 -35.78 2.73
C TYR L 194 -0.59 -35.63 1.75
N ALA L 195 -0.35 -35.03 0.59
CA ALA L 195 -1.37 -34.97 -0.44
C ALA L 195 -1.57 -36.34 -1.08
N GLU L 196 -0.50 -37.10 -1.22
CA GLU L 196 -0.61 -38.49 -1.62
C GLU L 196 -1.42 -39.28 -0.61
N THR L 197 -1.19 -38.98 0.68
CA THR L 197 -1.98 -39.60 1.74
C THR L 197 -3.45 -39.20 1.62
N MET L 198 -3.72 -37.92 1.35
CA MET L 198 -5.07 -37.40 1.14
C MET L 198 -5.74 -38.12 -0.02
N ASP L 199 -5.01 -38.27 -1.13
CA ASP L 199 -5.47 -38.96 -2.33
C ASP L 199 -5.91 -40.38 -2.01
N ARG L 200 -4.98 -41.17 -1.48
CA ARG L 200 -5.24 -42.59 -1.28
C ARG L 200 -6.32 -42.82 -0.23
N GLU L 201 -6.26 -42.06 0.87
CA GLU L 201 -7.28 -42.17 1.90
C GLU L 201 -8.64 -41.77 1.39
N PHE L 202 -8.75 -40.63 0.70
CA PHE L 202 -10.04 -40.15 0.22
C PHE L 202 -10.65 -41.08 -0.82
N ARG L 203 -9.83 -41.70 -1.66
CA ARG L 203 -10.36 -42.70 -2.57
C ARG L 203 -10.90 -43.89 -1.79
N LYS L 204 -10.17 -44.31 -0.74
CA LYS L 204 -10.71 -45.35 0.15
C LYS L 204 -11.95 -44.85 0.91
N TRP L 205 -12.03 -43.56 1.18
CA TRP L 205 -13.19 -43.02 1.87
C TRP L 205 -14.42 -43.08 0.99
N MET L 206 -14.30 -42.64 -0.26
CA MET L 206 -15.45 -42.72 -1.14
C MET L 206 -15.77 -44.14 -1.55
N LYS L 207 -14.83 -45.07 -1.42
CA LYS L 207 -15.18 -46.48 -1.39
C LYS L 207 -16.06 -46.77 -0.17
N TRP L 208 -15.65 -46.28 1.00
CA TRP L 208 -16.33 -46.57 2.25
C TRP L 208 -17.71 -45.93 2.33
N TYR L 209 -17.94 -44.85 1.58
CA TYR L 209 -19.28 -44.30 1.46
C TYR L 209 -20.04 -44.89 0.29
N GLY L 210 -19.37 -45.62 -0.60
CA GLY L 210 -20.03 -46.21 -1.75
C GLY L 210 -20.49 -45.22 -2.78
N LYS L 211 -19.98 -43.99 -2.74
CA LYS L 211 -20.44 -42.92 -3.59
C LYS L 211 -19.33 -42.51 -4.53
N LYS L 212 -19.72 -41.87 -5.63
CA LYS L 212 -18.81 -41.54 -6.69
C LYS L 212 -18.01 -40.29 -6.35
N HIS L 213 -16.70 -40.35 -6.57
CA HIS L 213 -15.87 -39.15 -6.67
C HIS L 213 -15.25 -39.14 -8.05
N ALA L 214 -15.16 -37.95 -8.65
CA ALA L 214 -14.63 -37.88 -10.00
C ALA L 214 -13.12 -38.06 -9.98
N GLU L 215 -12.58 -38.32 -11.17
CA GLU L 215 -11.18 -38.64 -11.34
C GLU L 215 -10.33 -37.38 -11.20
N TYR L 216 -9.07 -37.59 -10.83
CA TYR L 216 -8.15 -36.49 -10.65
C TYR L 216 -6.72 -37.00 -10.74
N THR L 217 -5.82 -36.09 -11.11
CA THR L 217 -4.39 -36.37 -11.11
C THR L 217 -3.69 -35.34 -10.24
N LEU L 218 -3.29 -35.77 -9.06
CA LEU L 218 -2.44 -34.96 -8.19
C LEU L 218 -1.00 -35.37 -8.42
N GLU L 219 -0.12 -34.40 -8.57
CA GLU L 219 1.27 -34.70 -8.87
C GLU L 219 2.20 -34.03 -7.86
N ARG L 220 3.49 -34.28 -8.04
CA ARG L 220 4.56 -33.76 -7.21
C ARG L 220 5.58 -33.16 -8.18
N GLY L 221 5.39 -31.90 -8.55
CA GLY L 221 6.19 -31.33 -9.61
C GLY L 221 6.05 -29.84 -9.80
N ASP L 222 5.91 -29.39 -11.04
CA ASP L 222 6.06 -27.96 -11.35
C ASP L 222 4.94 -27.56 -12.32
N PHE L 223 5.07 -26.36 -12.86
CA PHE L 223 4.16 -25.78 -13.85
C PHE L 223 4.91 -25.17 -15.02
N LEU L 224 6.23 -25.06 -14.95
CA LEU L 224 7.00 -24.38 -15.98
C LEU L 224 7.06 -25.16 -17.28
N SER L 225 6.79 -26.46 -17.24
CA SER L 225 6.93 -27.34 -18.39
C SER L 225 5.84 -27.06 -19.42
N GLU L 226 6.15 -27.43 -20.67
CA GLU L 226 5.21 -27.23 -21.76
C GLU L 226 4.04 -28.19 -21.72
N GLU L 227 4.20 -29.29 -20.98
CA GLU L 227 3.08 -30.17 -20.66
C GLU L 227 1.96 -29.39 -19.98
N TRP L 228 2.31 -28.58 -18.99
CA TRP L 228 1.29 -27.80 -18.31
C TRP L 228 0.76 -26.68 -19.18
N ARG L 229 1.57 -26.18 -20.12
CA ARG L 229 1.07 -25.21 -21.09
C ARG L 229 -0.05 -25.82 -21.92
N GLU L 230 0.19 -27.05 -22.40
CA GLU L 230 -0.81 -27.76 -23.19
C GLU L 230 -2.04 -28.10 -22.35
N ARG L 231 -1.82 -28.48 -21.09
CA ARG L 231 -2.95 -28.87 -20.25
C ARG L 231 -3.77 -27.66 -19.79
N ILE L 232 -3.11 -26.51 -19.60
CA ILE L 232 -3.80 -25.25 -19.35
C ILE L 232 -4.62 -24.85 -20.57
N ALA L 233 -4.05 -25.03 -21.77
CA ALA L 233 -4.81 -24.76 -22.99
C ALA L 233 -5.97 -25.72 -23.17
N ASN L 234 -5.86 -26.93 -22.63
CA ASN L 234 -6.98 -27.87 -22.68
C ASN L 234 -8.09 -27.46 -21.71
N THR L 235 -7.79 -27.47 -20.43
CA THR L 235 -8.81 -27.42 -19.40
C THR L 235 -9.25 -25.98 -19.16
N SER L 236 -10.57 -25.77 -19.11
CA SER L 236 -11.10 -24.43 -18.92
C SER L 236 -10.97 -23.97 -17.47
N VAL L 237 -11.67 -24.65 -16.56
CA VAL L 237 -11.88 -24.09 -15.23
C VAL L 237 -10.65 -24.32 -14.38
N ILE L 238 -10.06 -23.23 -13.89
CA ILE L 238 -8.78 -23.24 -13.19
C ILE L 238 -8.90 -22.40 -11.93
N PHE L 239 -8.35 -22.87 -10.83
CA PHE L 239 -8.14 -22.00 -9.66
C PHE L 239 -6.84 -22.37 -8.98
N VAL L 240 -6.18 -21.34 -8.46
CA VAL L 240 -5.20 -21.52 -7.40
C VAL L 240 -5.34 -20.35 -6.44
N ASN L 241 -5.11 -20.62 -5.14
CA ASN L 241 -4.97 -19.57 -4.14
C ASN L 241 -3.64 -18.89 -4.40
N ASN L 242 -3.66 -17.95 -5.34
CA ASN L 242 -2.46 -17.35 -5.86
C ASN L 242 -1.94 -16.19 -5.03
N PHE L 243 -2.62 -15.87 -3.92
CA PHE L 243 -2.44 -14.60 -3.22
C PHE L 243 -1.05 -14.42 -2.64
N ALA L 244 -0.34 -15.51 -2.39
CA ALA L 244 0.98 -15.39 -1.79
C ALA L 244 2.04 -15.98 -2.70
N PHE L 245 1.99 -15.64 -3.99
CA PHE L 245 2.89 -16.26 -4.95
C PHE L 245 3.98 -15.36 -5.48
N GLY L 246 3.74 -14.05 -5.56
CA GLY L 246 4.69 -13.15 -6.16
C GLY L 246 4.43 -12.95 -7.63
N PRO L 247 4.53 -11.71 -8.11
CA PRO L 247 4.09 -11.38 -9.47
C PRO L 247 4.97 -11.92 -10.57
N GLU L 248 6.10 -12.55 -10.26
CA GLU L 248 6.78 -13.36 -11.26
C GLU L 248 5.91 -14.53 -11.68
N VAL L 249 5.59 -15.38 -10.71
CA VAL L 249 4.86 -16.62 -10.92
C VAL L 249 3.49 -16.34 -11.51
N ASP L 250 2.82 -15.32 -10.98
CA ASP L 250 1.46 -15.02 -11.39
C ASP L 250 1.41 -14.51 -12.82
N HIS L 251 2.38 -13.68 -13.20
CA HIS L 251 2.41 -13.19 -14.56
C HIS L 251 2.80 -14.29 -15.54
N GLN L 252 3.67 -15.20 -15.10
CA GLN L 252 3.95 -16.38 -15.91
C GLN L 252 2.69 -17.21 -16.12
N LEU L 253 1.84 -17.31 -15.10
CA LEU L 253 0.61 -18.06 -15.25
C LEU L 253 -0.40 -17.33 -16.12
N LYS L 254 -0.39 -15.99 -16.09
CA LYS L 254 -1.16 -15.20 -17.05
C LYS L 254 -0.77 -15.57 -18.47
N GLU L 255 0.54 -15.59 -18.71
CA GLU L 255 1.08 -15.96 -20.01
C GLU L 255 0.73 -17.40 -20.38
N ARG L 256 0.60 -18.27 -19.39
CA ARG L 256 0.09 -19.61 -19.66
C ARG L 256 -1.37 -19.59 -20.04
N PHE L 257 -2.14 -18.71 -19.39
CA PHE L 257 -3.57 -18.62 -19.64
C PHE L 257 -3.90 -17.98 -20.97
N ALA L 258 -2.92 -17.30 -21.58
CA ALA L 258 -3.14 -16.60 -22.85
C ALA L 258 -3.55 -17.56 -23.95
N ASN L 259 -2.97 -18.77 -23.97
CA ASN L 259 -3.17 -19.72 -25.06
C ASN L 259 -4.47 -20.50 -24.95
N MET L 260 -5.37 -20.11 -24.07
CA MET L 260 -6.50 -20.97 -23.76
C MET L 260 -7.69 -20.69 -24.66
N LYS L 261 -8.76 -21.42 -24.42
CA LYS L 261 -9.99 -21.32 -25.17
C LYS L 261 -10.88 -20.25 -24.56
N GLU L 262 -11.96 -19.92 -25.28
CA GLU L 262 -12.89 -18.90 -24.82
C GLU L 262 -13.71 -19.39 -23.64
N GLY L 263 -14.10 -18.44 -22.80
CA GLY L 263 -14.92 -18.76 -21.64
C GLY L 263 -14.22 -19.62 -20.62
N GLY L 264 -12.90 -19.50 -20.49
CA GLY L 264 -12.19 -20.26 -19.48
C GLY L 264 -12.52 -19.72 -18.10
N ARG L 265 -13.35 -20.45 -17.37
CA ARG L 265 -13.90 -19.98 -16.09
C ARG L 265 -12.83 -20.16 -15.02
N ILE L 266 -11.91 -19.21 -14.99
CA ILE L 266 -10.72 -19.33 -14.17
C ILE L 266 -10.89 -18.48 -12.93
N VAL L 267 -10.84 -19.07 -11.78
CA VAL L 267 -10.95 -18.32 -10.54
C VAL L 267 -9.54 -18.02 -10.05
N SER L 268 -9.37 -16.88 -9.39
CA SER L 268 -8.14 -16.56 -8.69
C SER L 268 -8.48 -16.09 -7.29
N SER L 269 -7.45 -16.01 -6.45
CA SER L 269 -7.57 -15.34 -5.16
C SER L 269 -7.11 -13.90 -5.25
N LYS L 270 -5.87 -13.67 -5.56
CA LYS L 270 -5.47 -12.32 -5.95
C LYS L 270 -5.68 -12.19 -7.45
N PRO L 271 -6.34 -11.14 -7.93
CA PRO L 271 -6.75 -11.13 -9.33
C PRO L 271 -5.59 -10.77 -10.25
N PHE L 272 -5.73 -11.19 -11.50
CA PHE L 272 -4.72 -10.90 -12.51
C PHE L 272 -4.99 -9.59 -13.24
N ALA L 273 -6.12 -8.95 -12.95
CA ALA L 273 -6.58 -7.76 -13.63
C ALA L 273 -7.64 -7.12 -12.75
N PRO L 274 -7.90 -5.82 -12.91
CA PRO L 274 -8.95 -5.21 -12.08
C PRO L 274 -10.32 -5.72 -12.48
N LEU L 275 -11.24 -5.67 -11.52
CA LEU L 275 -12.62 -6.07 -11.77
C LEU L 275 -13.35 -5.10 -12.70
N ASN L 276 -12.76 -3.93 -12.96
CA ASN L 276 -13.29 -2.94 -13.89
C ASN L 276 -12.29 -2.63 -15.00
N PHE L 277 -11.71 -3.66 -15.60
CA PHE L 277 -10.60 -3.45 -16.52
C PHE L 277 -11.09 -2.94 -17.88
N ARG L 278 -10.31 -2.03 -18.46
CA ARG L 278 -10.59 -1.46 -19.77
C ARG L 278 -9.39 -1.66 -20.68
N ILE L 279 -9.62 -1.68 -21.99
CA ILE L 279 -8.60 -1.93 -23.00
C ILE L 279 -8.07 -0.60 -23.55
N ASN L 280 -6.82 -0.62 -23.99
CA ASN L 280 -6.26 0.40 -24.86
C ASN L 280 -5.39 -0.32 -25.90
N SER L 281 -4.47 0.39 -26.53
CA SER L 281 -3.52 -0.30 -27.40
C SER L 281 -2.26 -0.74 -26.67
N ARG L 282 -2.04 -0.29 -25.44
CA ARG L 282 -0.85 -0.71 -24.71
C ARG L 282 -0.99 -2.14 -24.22
N ASN L 283 -2.16 -2.49 -23.69
CA ASN L 283 -2.38 -3.75 -23.01
C ASN L 283 -2.68 -4.91 -23.95
N LEU L 284 -2.33 -4.78 -25.23
CA LEU L 284 -2.43 -5.91 -26.16
C LEU L 284 -1.53 -7.05 -25.71
N SER L 285 -0.38 -6.72 -25.14
CA SER L 285 0.45 -7.71 -24.50
C SER L 285 -0.18 -8.24 -23.23
N ASP L 286 -0.99 -7.43 -22.56
CA ASP L 286 -1.53 -7.80 -21.26
C ASP L 286 -2.63 -8.84 -21.39
N ILE L 287 -3.16 -9.25 -20.25
CA ILE L 287 -4.00 -10.44 -20.19
C ILE L 287 -5.44 -10.11 -19.82
N GLY L 288 -5.71 -8.94 -19.25
CA GLY L 288 -7.07 -8.62 -18.85
C GLY L 288 -7.98 -8.27 -19.99
N THR L 289 -7.42 -8.03 -21.17
CA THR L 289 -8.23 -7.66 -22.32
C THR L 289 -9.06 -8.82 -22.82
N ILE L 290 -8.51 -10.03 -22.74
CA ILE L 290 -9.10 -11.19 -23.38
C ILE L 290 -9.96 -11.95 -22.40
N MET L 291 -10.19 -11.37 -21.22
CA MET L 291 -10.96 -12.04 -20.20
C MET L 291 -11.84 -11.06 -19.46
N ARG L 292 -12.88 -11.61 -18.85
CA ARG L 292 -13.80 -10.85 -18.00
C ARG L 292 -13.48 -11.14 -16.55
N VAL L 293 -13.25 -10.09 -15.77
CA VAL L 293 -12.70 -10.22 -14.43
C VAL L 293 -13.79 -9.85 -13.45
N VAL L 294 -14.37 -10.86 -12.81
CA VAL L 294 -15.49 -10.68 -11.88
C VAL L 294 -15.16 -11.30 -10.53
N GLU L 295 -15.75 -10.73 -9.48
CA GLU L 295 -15.54 -11.21 -8.12
C GLU L 295 -16.55 -12.30 -7.79
N LEU L 296 -16.06 -13.40 -7.25
CA LEU L 296 -16.95 -14.42 -6.73
C LEU L 296 -17.21 -14.19 -5.25
N SER L 297 -18.29 -14.80 -4.77
CA SER L 297 -18.76 -14.53 -3.42
C SER L 297 -17.87 -15.22 -2.40
N PRO L 298 -17.45 -14.53 -1.34
CA PRO L 298 -16.75 -15.18 -0.23
C PRO L 298 -17.66 -16.03 0.64
N LEU L 299 -17.14 -16.45 1.81
CA LEU L 299 -17.83 -17.34 2.75
C LEU L 299 -19.30 -16.95 3.05
N LYS L 300 -19.65 -15.68 3.35
CA LYS L 300 -18.87 -14.47 3.61
C LYS L 300 -18.72 -14.28 5.12
N GLY L 301 -19.21 -15.25 5.88
CA GLY L 301 -18.93 -15.26 7.30
C GLY L 301 -17.60 -15.95 7.49
N SER L 302 -16.54 -15.16 7.56
CA SER L 302 -15.18 -15.65 7.35
C SER L 302 -14.25 -15.05 8.39
N VAL L 303 -14.12 -15.71 9.54
CA VAL L 303 -12.96 -15.52 10.40
C VAL L 303 -11.94 -16.54 9.88
N SER L 304 -11.29 -16.17 8.80
CA SER L 304 -10.32 -16.99 8.09
C SER L 304 -8.96 -16.73 8.70
N TRP L 305 -7.89 -16.99 7.94
CA TRP L 305 -6.68 -16.22 8.07
C TRP L 305 -7.03 -14.76 8.28
N THR L 306 -7.73 -14.19 7.29
CA THR L 306 -8.22 -12.82 7.38
C THR L 306 -9.51 -12.78 8.18
N GLY L 307 -9.62 -11.81 9.08
CA GLY L 307 -10.89 -11.55 9.74
C GLY L 307 -11.94 -11.01 8.77
N LYS L 308 -11.50 -10.25 7.77
CA LYS L 308 -12.35 -9.91 6.66
C LYS L 308 -12.53 -11.13 5.76
N PRO L 309 -13.58 -11.17 4.94
CA PRO L 309 -13.77 -12.31 4.05
C PRO L 309 -12.72 -12.38 2.94
N VAL L 310 -12.76 -13.51 2.26
CA VAL L 310 -11.67 -13.96 1.41
C VAL L 310 -11.80 -13.43 -0.01
N SER L 311 -12.98 -13.59 -0.61
CA SER L 311 -13.41 -12.98 -1.87
C SER L 311 -12.53 -13.40 -3.06
N TYR L 312 -12.68 -14.66 -3.44
CA TYR L 312 -12.06 -15.14 -4.67
C TYR L 312 -12.65 -14.46 -5.90
N TYR L 313 -11.89 -14.53 -6.99
CA TYR L 313 -12.11 -13.69 -8.16
C TYR L 313 -12.10 -14.54 -9.42
N LEU L 314 -13.18 -14.49 -10.20
CA LEU L 314 -13.31 -15.25 -11.43
C LEU L 314 -12.81 -14.47 -12.63
N HIS L 315 -11.98 -15.11 -13.44
CA HIS L 315 -11.62 -14.64 -14.75
C HIS L 315 -12.29 -15.54 -15.78
N THR L 316 -12.81 -14.95 -16.85
CA THR L 316 -13.52 -15.72 -17.85
C THR L 316 -13.16 -15.16 -19.23
N ILE L 317 -12.64 -16.03 -20.09
CA ILE L 317 -11.99 -15.60 -21.33
C ILE L 317 -13.00 -15.02 -22.29
N ASP L 318 -12.71 -13.81 -22.81
CA ASP L 318 -13.62 -13.11 -23.70
C ASP L 318 -12.80 -12.16 -24.58
N ARG L 319 -12.57 -12.55 -25.83
CA ARG L 319 -11.87 -11.71 -26.79
C ARG L 319 -12.79 -10.80 -27.58
N THR L 320 -14.09 -10.79 -27.26
CA THR L 320 -15.04 -9.89 -27.90
C THR L 320 -14.72 -8.44 -27.54
N ILE L 321 -14.14 -8.23 -26.36
CA ILE L 321 -13.62 -6.92 -25.97
C ILE L 321 -12.60 -6.43 -26.98
N LEU L 322 -11.65 -7.29 -27.32
CA LEU L 322 -10.58 -6.90 -28.23
C LEU L 322 -11.07 -6.83 -29.67
N GLU L 323 -12.11 -7.58 -30.02
CA GLU L 323 -12.62 -7.46 -31.37
C GLU L 323 -13.50 -6.23 -31.54
N ASN L 324 -14.21 -5.83 -30.50
CA ASN L 324 -14.87 -4.52 -30.53
C ASN L 324 -13.84 -3.40 -30.46
N TYR L 325 -12.70 -3.66 -29.83
CA TYR L 325 -11.60 -2.72 -29.90
C TYR L 325 -11.07 -2.62 -31.33
N PHE L 326 -11.09 -3.71 -32.07
CA PHE L 326 -10.72 -3.67 -33.49
C PHE L 326 -11.73 -2.87 -34.30
N SER L 327 -13.01 -2.99 -33.93
CA SER L 327 -14.03 -2.14 -34.55
C SER L 327 -13.78 -0.68 -34.24
N SER L 328 -13.30 -0.38 -33.03
CA SER L 328 -12.93 1.00 -32.71
C SER L 328 -11.68 1.44 -33.46
N LEU L 329 -10.77 0.50 -33.74
CA LEU L 329 -9.60 0.81 -34.56
C LEU L 329 -10.00 1.11 -36.01
N LYS L 330 -11.07 0.46 -36.48
CA LYS L 330 -11.69 0.89 -37.73
C LYS L 330 -12.24 2.29 -37.59
N ASN L 331 -12.90 2.58 -36.48
CA ASN L 331 -13.45 3.91 -36.21
C ASN L 331 -12.38 4.97 -36.02
N SAH M . -3.98 -26.06 -2.11
CA SAH M . -4.12 -25.97 -0.66
CB SAH M . -2.89 -25.28 -0.06
CG SAH M . -2.19 -24.32 -1.00
SD SAH M . -0.46 -24.10 -0.55
C SAH M . -5.39 -25.22 -0.27
O SAH M . -6.34 -25.82 0.23
OXT SAH M . -5.50 -24.01 -0.46
C5' SAH M . -0.01 -23.88 -2.28
C4' SAH M . 1.05 -24.87 -2.70
O4' SAH M . 1.40 -24.75 -4.05
C3' SAH M . 2.34 -24.66 -1.94
O3' SAH M . 2.47 -25.67 -0.98
C2' SAH M . 3.45 -24.75 -2.97
O2' SAH M . 4.37 -25.74 -2.62
C1' SAH M . 2.73 -25.18 -4.23
N9 SAH M . 3.35 -24.61 -5.43
C8 SAH M . 3.73 -23.31 -5.64
N7 SAH M . 4.24 -23.22 -6.89
C5 SAH M . 4.18 -24.42 -7.49
C6 SAH M . 4.55 -24.88 -8.74
N6 SAH M . 5.09 -24.04 -9.63
N1 SAH M . 4.36 -26.21 -9.06
C2 SAH M . 3.80 -27.04 -8.14
N3 SAH M . 3.43 -26.58 -6.90
C4 SAH M . 3.61 -25.30 -6.58
#